data_2GTQ
#
_entry.id   2GTQ
#
_cell.length_a   224.208
_cell.length_b   224.208
_cell.length_c   57.679
_cell.angle_alpha   90.00
_cell.angle_beta   90.00
_cell.angle_gamma   120.00
#
_symmetry.space_group_name_H-M   'H 3'
#
loop_
_entity.id
_entity.type
_entity.pdbx_description
1 polymer 'aminopeptidase N'
2 non-polymer 'ZINC ION'
3 non-polymer 'SULFATE ION'
4 water water
#
_entity_poly.entity_id   1
_entity_poly.type   'polypeptide(L)'
_entity_poly.pdbx_seq_one_letter_code
;(MSE)SKTVHYLKDYQTPAYHILKTDLHFDINEPQTVVKSRLTVEPQRVGEPLVLDGSAKLLSVKINGAAADYVLEGETL
TIAGVPSERFTVEVETEILPAENKSL(MSE)GLYASGGNLFTQCEPEGFRKITFYIDRPDV(MSE)SKFTTTIVADKKRY
PVLLSNGNKIDGGEFSDGRHWVKWEDPFSKPSYLFALVAGDLAVTEDYFTT(MSE)SGRNVKIEFYTTEADKPKVGFAVE
SLKNA(MSE)KWDETRFGLEYDLDIF(MSE)VVAVGDFN(MSE)GA(MSE)ENKGLNIFNTKFVLADSRTATDTDFEGIE
SVVGHEYFHNWTGNRVTCRDWFQLSLKEGLTVFRDQEFSGDRASRAVRRIENIRLLRQHQFPEDAGPTAHPVRPASYEE
(MSE)NNFYT(MSE)TVYEKGAEVVR(MSE)YHTLLGEEGFQKG(MSE)KLYFQRHDGQAVTCDDFRAA(MSE)ADANGI
NLDQFALWYSQAGTPVLEAEGRLKNNIFELTVKQTVPPTPD(MSE)TDKQP(MSE)(MSE)IPVKVGLLNRNGEAVAFDY
QGKRATEAVLLLTEAEQTFLLEGVTEAVVPSLLRGFSAPVHLNYPYSDDDLLLLLAHDSDAFTRWEAAQTLYRRAVAANL
ATLSDGVELPKHEKLLAAVEKVISDDLLDNAFKALLLGVPSEAELWDGAENIDPLRYHQAREALLDTLAVHFLPKWHELN
RQAAKQENQSYEYSPEAAGWRTLRNVCRAFVLRADPAHIETVAEKYGE(MSE)AQN(MSE)THEWGILSAVNGNESDTRN
RLLAQFADKFSDDALV(MSE)DKYFALVGSSRRSDTLQQVRTALQHPKFSLENPNKARSLIGSFSRNVPHFHAEDGSGYR
FIADKVIEIDRFNPQVAARLVQAFNLCNKLEPHRKNLVKQALQRIRAQEGLSKDVGEIVGKILD
;
_entity_poly.pdbx_strand_id   A
#
loop_
_chem_comp.id
_chem_comp.type
_chem_comp.name
_chem_comp.formula
SO4 non-polymer 'SULFATE ION' 'O4 S -2'
ZN non-polymer 'ZINC ION' 'Zn 2'
#
# COMPACT_ATOMS: atom_id res chain seq x y z
N THR A 4 -11.87 -24.45 -5.93
CA THR A 4 -11.45 -24.54 -4.49
C THR A 4 -11.44 -23.17 -3.81
N VAL A 5 -12.06 -23.12 -2.64
CA VAL A 5 -12.19 -21.93 -1.83
C VAL A 5 -11.69 -22.32 -0.45
N HIS A 6 -10.99 -21.40 0.20
CA HIS A 6 -10.53 -21.65 1.56
C HIS A 6 -11.38 -20.83 2.49
N TYR A 7 -11.80 -21.45 3.60
CA TYR A 7 -12.73 -20.85 4.54
C TYR A 7 -12.08 -20.77 5.92
N LEU A 8 -12.19 -19.63 6.56
CA LEU A 8 -11.61 -19.43 7.90
C LEU A 8 -12.24 -20.40 8.89
N LYS A 9 -13.56 -20.59 8.81
CA LYS A 9 -14.24 -21.56 9.68
C LYS A 9 -13.72 -23.00 9.58
N ASP A 10 -12.98 -23.32 8.52
CA ASP A 10 -12.44 -24.67 8.36
C ASP A 10 -11.05 -24.84 8.95
N TYR A 11 -10.49 -23.78 9.56
CA TYR A 11 -9.13 -23.86 10.10
C TYR A 11 -8.98 -25.09 11.02
N GLN A 12 -7.85 -25.77 10.89
CA GLN A 12 -7.52 -26.90 11.72
C GLN A 12 -5.99 -26.94 11.91
N THR A 13 -5.54 -27.19 13.13
CA THR A 13 -4.13 -27.28 13.45
C THR A 13 -3.43 -28.34 12.56
N PRO A 14 -2.13 -28.17 12.26
CA PRO A 14 -1.58 -29.15 11.34
C PRO A 14 -1.35 -30.51 12.02
N ALA A 15 -1.45 -31.57 11.23
CA ALA A 15 -1.19 -32.92 11.71
C ALA A 15 0.28 -33.11 11.97
N TYR A 16 1.10 -32.32 11.29
CA TYR A 16 2.54 -32.44 11.44
C TYR A 16 3.22 -31.13 11.76
N HIS A 17 4.31 -31.22 12.52
CA HIS A 17 5.19 -30.08 12.73
C HIS A 17 6.53 -30.34 12.09
N ILE A 18 7.16 -29.28 11.62
CA ILE A 18 8.50 -29.37 11.06
C ILE A 18 9.41 -28.63 12.01
N LEU A 19 10.35 -29.38 12.58
CA LEU A 19 11.22 -28.85 13.61
C LEU A 19 12.46 -28.19 13.06
N LYS A 20 13.03 -28.81 12.04
CA LYS A 20 14.29 -28.39 11.45
C LYS A 20 14.14 -28.52 9.93
N THR A 21 14.60 -27.50 9.22
CA THR A 21 14.56 -27.54 7.78
C THR A 21 15.95 -27.28 7.30
N ASP A 22 16.58 -28.29 6.74
CA ASP A 22 17.92 -28.12 6.18
C ASP A 22 17.80 -28.13 4.66
N LEU A 23 18.30 -27.06 4.04
CA LEU A 23 18.19 -26.87 2.60
C LEU A 23 19.57 -26.80 1.94
N HIS A 24 19.74 -27.49 0.82
CA HIS A 24 20.96 -27.41 0.06
C HIS A 24 20.61 -26.97 -1.36
N PHE A 25 21.23 -25.87 -1.80
CA PHE A 25 21.00 -25.31 -3.15
C PHE A 25 22.24 -25.52 -4.02
N ASP A 26 22.10 -26.23 -5.12
CA ASP A 26 23.21 -26.39 -6.02
C ASP A 26 22.84 -25.62 -7.30
N ILE A 27 23.44 -24.45 -7.48
CA ILE A 27 23.08 -23.59 -8.60
C ILE A 27 23.96 -23.87 -9.83
N ASN A 28 23.33 -24.14 -10.97
CA ASN A 28 24.04 -24.39 -12.22
C ASN A 28 23.35 -23.63 -13.36
N GLU A 29 23.89 -23.69 -14.58
CA GLU A 29 23.19 -23.18 -15.75
C GLU A 29 22.65 -24.35 -16.58
N PRO A 30 21.33 -24.39 -16.82
CA PRO A 30 20.33 -23.42 -16.36
C PRO A 30 19.64 -23.83 -15.04
N GLN A 31 19.90 -25.04 -14.55
CA GLN A 31 19.10 -25.65 -13.48
C GLN A 31 19.64 -25.45 -12.05
N THR A 32 18.73 -25.22 -11.11
CA THR A 32 19.07 -25.25 -9.70
C THR A 32 18.41 -26.48 -9.08
N VAL A 33 19.20 -27.23 -8.33
CA VAL A 33 18.75 -28.44 -7.68
C VAL A 33 18.69 -28.20 -6.19
N VAL A 34 17.52 -28.41 -5.63
CA VAL A 34 17.28 -28.21 -4.22
C VAL A 34 17.13 -29.55 -3.48
N LYS A 35 17.95 -29.74 -2.43
CA LYS A 35 17.81 -30.91 -1.53
C LYS A 35 17.47 -30.46 -0.13
N SER A 36 16.33 -30.96 0.36
CA SER A 36 15.86 -30.66 1.69
C SER A 36 16.07 -31.84 2.64
N ARG A 37 16.17 -31.50 3.91
CA ARG A 37 16.06 -32.47 4.94
C ARG A 37 15.15 -31.87 5.97
N LEU A 38 13.96 -32.46 6.09
CA LEU A 38 12.93 -32.04 7.04
C LEU A 38 12.92 -32.97 8.23
N THR A 39 12.97 -32.40 9.44
CA THR A 39 12.78 -33.15 10.68
C THR A 39 11.34 -32.94 11.08
N VAL A 40 10.57 -34.02 11.00
CA VAL A 40 9.12 -33.94 11.14
C VAL A 40 8.66 -34.56 12.45
N GLU A 41 7.80 -33.84 13.14
CA GLU A 41 7.24 -34.32 14.37
C GLU A 41 5.72 -34.45 14.31
N PRO A 42 5.21 -35.70 14.37
CA PRO A 42 3.77 -36.01 14.32
C PRO A 42 3.03 -35.33 15.46
N GLN A 43 1.92 -34.68 15.13
CA GLN A 43 1.05 -34.05 16.08
C GLN A 43 -0.15 -34.96 16.23
N ARG A 44 -0.62 -35.48 15.10
CA ARG A 44 -1.72 -36.44 15.05
C ARG A 44 -1.19 -37.67 14.35
N VAL A 45 -0.66 -38.58 15.15
CA VAL A 45 0.00 -39.79 14.68
C VAL A 45 -0.91 -40.58 13.70
N GLY A 46 -0.29 -41.14 12.66
CA GLY A 46 -1.01 -42.03 11.73
C GLY A 46 -1.70 -41.31 10.57
N GLU A 47 -1.86 -40.00 10.68
CA GLU A 47 -2.36 -39.22 9.55
C GLU A 47 -1.37 -39.25 8.38
N PRO A 48 -1.88 -39.17 7.14
CA PRO A 48 -0.94 -39.08 6.02
C PRO A 48 -0.14 -37.77 6.08
N LEU A 49 1.10 -37.82 5.61
CA LEU A 49 1.88 -36.59 5.49
C LEU A 49 1.56 -35.91 4.15
N VAL A 50 1.12 -34.65 4.23
CA VAL A 50 0.68 -33.94 3.05
C VAL A 50 1.60 -32.71 2.85
N LEU A 51 2.28 -32.72 1.71
CA LEU A 51 3.26 -31.68 1.37
C LEU A 51 2.79 -30.93 0.14
N ASP A 52 2.88 -29.61 0.19
CA ASP A 52 2.52 -28.76 -0.96
C ASP A 52 3.74 -28.64 -1.82
N GLY A 53 3.57 -28.65 -3.13
CA GLY A 53 4.73 -28.41 -3.99
C GLY A 53 4.46 -28.39 -5.48
N SER A 54 5.16 -27.51 -6.20
CA SER A 54 4.98 -27.42 -7.66
C SER A 54 6.27 -27.48 -8.46
N ALA A 55 7.43 -27.56 -7.81
CA ALA A 55 8.70 -27.69 -8.56
C ALA A 55 8.84 -29.10 -9.12
N LYS A 56 9.67 -29.29 -10.14
CA LYS A 56 9.93 -30.63 -10.69
C LYS A 56 10.53 -31.56 -9.63
N LEU A 57 9.90 -32.71 -9.43
CA LEU A 57 10.28 -33.61 -8.34
C LEU A 57 11.19 -34.70 -8.84
N LEU A 58 12.33 -34.83 -8.18
CA LEU A 58 13.34 -35.78 -8.62
C LEU A 58 13.39 -37.01 -7.70
N SER A 59 13.27 -36.78 -6.39
CA SER A 59 13.23 -37.90 -5.45
C SER A 59 12.58 -37.47 -4.13
N VAL A 60 12.00 -38.44 -3.42
CA VAL A 60 11.56 -38.26 -2.04
C VAL A 60 11.91 -39.50 -1.23
N LYS A 61 12.46 -39.24 -0.05
CA LYS A 61 12.84 -40.28 0.87
C LYS A 61 12.25 -39.98 2.24
N ILE A 62 11.92 -41.06 2.95
CA ILE A 62 11.58 -41.04 4.35
C ILE A 62 12.70 -41.87 4.91
N ASN A 63 13.43 -41.31 5.89
CA ASN A 63 14.58 -41.98 6.53
C ASN A 63 15.62 -42.65 5.63
N GLY A 64 16.03 -41.92 4.61
CA GLY A 64 17.09 -42.37 3.74
C GLY A 64 16.68 -43.39 2.72
N ALA A 65 15.44 -43.89 2.82
CA ALA A 65 14.90 -44.87 1.87
C ALA A 65 13.80 -44.26 1.03
N ALA A 66 13.76 -44.62 -0.26
CA ALA A 66 12.75 -44.07 -1.16
C ALA A 66 11.36 -44.29 -0.57
N ALA A 67 10.57 -43.21 -0.60
CA ALA A 67 9.26 -43.19 0.03
C ALA A 67 8.24 -43.75 -0.92
N ASP A 68 7.20 -44.35 -0.35
CA ASP A 68 5.99 -44.67 -1.10
C ASP A 68 5.06 -43.47 -1.07
N TYR A 69 4.80 -42.90 -2.23
CA TYR A 69 4.07 -41.66 -2.24
C TYR A 69 3.26 -41.51 -3.50
N VAL A 70 2.36 -40.54 -3.48
CA VAL A 70 1.68 -40.16 -4.70
C VAL A 70 1.74 -38.64 -4.83
N LEU A 71 1.99 -38.18 -6.05
CA LEU A 71 1.98 -36.76 -6.35
C LEU A 71 0.87 -36.53 -7.34
N GLU A 72 -0.08 -35.68 -6.94
CA GLU A 72 -1.20 -35.35 -7.76
C GLU A 72 -1.44 -33.86 -7.62
N GLY A 73 -1.49 -33.19 -8.77
CA GLY A 73 -1.58 -31.73 -8.79
C GLY A 73 -0.33 -31.18 -8.14
N GLU A 74 -0.53 -30.38 -7.09
CA GLU A 74 0.57 -29.79 -6.35
C GLU A 74 0.60 -30.33 -4.91
N THR A 75 0.09 -31.54 -4.70
CA THR A 75 0.04 -32.17 -3.39
C THR A 75 0.72 -33.52 -3.45
N LEU A 76 1.75 -33.66 -2.61
CA LEU A 76 2.51 -34.88 -2.42
C LEU A 76 2.08 -35.51 -1.10
N THR A 77 1.67 -36.79 -1.16
CA THR A 77 1.12 -37.50 0.01
C THR A 77 1.90 -38.78 0.31
N ILE A 78 2.31 -38.92 1.57
N ILE A 78 2.27 -38.93 1.58
CA ILE A 78 2.96 -40.14 2.05
CA ILE A 78 2.93 -40.13 2.06
C ILE A 78 2.10 -40.77 3.16
C ILE A 78 2.06 -40.75 3.15
N ALA A 79 1.48 -41.91 2.85
CA ALA A 79 0.54 -42.59 3.75
C ALA A 79 1.22 -43.29 4.93
N GLY A 80 2.33 -43.97 4.68
CA GLY A 80 2.97 -44.75 5.72
C GLY A 80 4.11 -43.94 6.29
N VAL A 81 3.85 -43.22 7.37
CA VAL A 81 4.88 -42.42 8.02
C VAL A 81 5.03 -42.95 9.44
N PRO A 82 6.25 -42.84 10.02
CA PRO A 82 6.45 -43.32 11.38
C PRO A 82 5.56 -42.60 12.38
N SER A 83 5.36 -43.25 13.52
CA SER A 83 4.59 -42.74 14.64
C SER A 83 5.44 -41.82 15.56
N GLU A 84 6.74 -41.76 15.28
CA GLU A 84 7.68 -40.95 16.04
C GLU A 84 8.50 -40.12 15.06
N ARG A 85 9.28 -39.15 15.58
CA ARG A 85 10.05 -38.22 14.73
C ARG A 85 10.77 -38.92 13.61
N PHE A 86 10.70 -38.32 12.42
CA PHE A 86 11.29 -38.90 11.23
C PHE A 86 11.83 -37.80 10.33
N THR A 87 12.61 -38.20 9.33
CA THR A 87 13.05 -37.24 8.35
C THR A 87 12.46 -37.50 6.97
N VAL A 88 12.20 -36.41 6.27
CA VAL A 88 11.85 -36.45 4.87
C VAL A 88 12.93 -35.67 4.09
N GLU A 89 13.41 -36.27 3.00
CA GLU A 89 14.33 -35.64 2.07
C GLU A 89 13.76 -35.51 0.66
N VAL A 90 13.61 -34.28 0.20
CA VAL A 90 13.06 -33.99 -1.11
C VAL A 90 14.11 -33.38 -2.03
N GLU A 91 14.19 -33.91 -3.24
CA GLU A 91 15.02 -33.32 -4.28
C GLU A 91 14.14 -32.74 -5.37
N THR A 92 14.29 -31.43 -5.62
CA THR A 92 13.55 -30.71 -6.66
C THR A 92 14.51 -30.04 -7.64
N GLU A 93 13.99 -29.66 -8.80
CA GLU A 93 14.81 -28.99 -9.80
C GLU A 93 14.07 -27.80 -10.35
N ILE A 94 14.75 -26.64 -10.35
CA ILE A 94 14.15 -25.37 -10.77
C ILE A 94 14.90 -24.74 -11.96
N LEU A 95 14.16 -24.10 -12.85
CA LEU A 95 14.78 -23.32 -13.91
C LEU A 95 14.43 -21.85 -13.65
N PRO A 96 15.25 -21.14 -12.85
CA PRO A 96 14.81 -19.81 -12.37
C PRO A 96 14.62 -18.77 -13.47
N ALA A 97 15.38 -18.87 -14.56
CA ALA A 97 15.26 -17.89 -15.67
C ALA A 97 13.94 -18.03 -16.48
N GLU A 98 13.23 -19.15 -16.30
CA GLU A 98 11.91 -19.37 -16.87
C GLU A 98 10.78 -18.86 -15.93
N ASN A 99 11.12 -18.56 -14.67
CA ASN A 99 10.14 -18.06 -13.72
C ASN A 99 9.82 -16.58 -13.92
N LYS A 100 8.82 -16.31 -14.74
CA LYS A 100 8.34 -15.00 -14.97
C LYS A 100 7.29 -14.49 -14.02
N SER A 101 6.82 -15.36 -13.12
CA SER A 101 5.78 -15.02 -12.15
C SER A 101 6.36 -14.22 -10.99
N LEU A 102 7.68 -14.29 -10.84
CA LEU A 102 8.42 -13.61 -9.78
C LEU A 102 7.96 -14.06 -8.38
N MSE A 103 7.49 -15.30 -8.32
CA MSE A 103 7.13 -15.98 -7.08
C MSE A 103 7.91 -17.29 -7.02
O MSE A 103 7.92 -18.04 -8.00
CB MSE A 103 5.63 -16.26 -7.00
CG MSE A 103 5.17 -16.97 -5.70
SE MSE A 103 5.02 -15.72 -4.18
CE MSE A 103 4.88 -14.15 -5.36
N GLY A 104 8.59 -17.52 -5.92
CA GLY A 104 9.49 -18.67 -5.81
C GLY A 104 10.92 -18.22 -6.07
N LEU A 105 11.72 -19.09 -6.69
CA LEU A 105 13.10 -18.75 -7.05
C LEU A 105 13.11 -18.29 -8.52
N TYR A 106 13.67 -17.11 -8.77
CA TYR A 106 13.62 -16.49 -10.10
C TYR A 106 14.85 -15.66 -10.40
N ALA A 107 15.08 -15.42 -11.69
CA ALA A 107 16.21 -14.63 -12.17
C ALA A 107 15.77 -13.18 -12.42
N SER A 108 16.69 -12.27 -12.21
CA SER A 108 16.47 -10.85 -12.45
C SER A 108 17.86 -10.28 -12.62
N GLY A 109 18.09 -9.60 -13.76
CA GLY A 109 19.35 -8.95 -14.04
C GLY A 109 20.54 -9.87 -13.92
N GLY A 110 20.35 -11.14 -14.29
CA GLY A 110 21.40 -12.13 -14.22
C GLY A 110 21.68 -12.66 -12.80
N ASN A 111 20.92 -12.21 -11.82
CA ASN A 111 21.04 -12.69 -10.42
C ASN A 111 19.82 -13.54 -10.02
N LEU A 112 19.87 -14.19 -8.84
CA LEU A 112 18.78 -15.00 -8.33
C LEU A 112 18.25 -14.47 -7.04
N PHE A 113 16.92 -14.55 -6.88
CA PHE A 113 16.21 -13.91 -5.78
C PHE A 113 15.04 -14.83 -5.50
N THR A 114 14.45 -14.69 -4.31
CA THR A 114 13.23 -15.42 -4.00
C THR A 114 12.15 -14.46 -3.56
N GLN A 115 10.91 -14.89 -3.76
CA GLN A 115 9.80 -14.27 -3.11
C GLN A 115 8.94 -15.44 -2.64
N CYS A 116 8.71 -15.53 -1.33
CA CYS A 116 7.95 -16.67 -0.80
C CYS A 116 6.54 -16.36 -0.27
N GLU A 117 6.26 -15.13 0.18
CA GLU A 117 4.96 -14.86 0.76
C GLU A 117 3.91 -14.62 -0.35
N PRO A 118 2.69 -15.18 -0.21
CA PRO A 118 2.29 -16.11 0.85
C PRO A 118 2.71 -17.58 0.60
N GLU A 119 2.65 -18.04 -0.64
CA GLU A 119 2.78 -19.48 -0.93
C GLU A 119 3.80 -19.80 -2.02
N GLY A 120 4.88 -19.02 -2.07
CA GLY A 120 5.94 -19.25 -3.06
C GLY A 120 7.02 -20.26 -2.71
N PHE A 121 7.14 -20.65 -1.44
CA PHE A 121 8.17 -21.62 -1.02
C PHE A 121 7.89 -23.04 -1.58
N ARG A 122 6.60 -23.40 -1.67
CA ARG A 122 6.20 -24.68 -2.28
C ARG A 122 6.57 -24.75 -3.77
N LYS A 123 6.94 -23.63 -4.33
CA LYS A 123 7.48 -23.59 -5.70
C LYS A 123 8.99 -23.87 -5.72
N ILE A 124 9.58 -23.98 -4.53
CA ILE A 124 10.99 -24.29 -4.39
C ILE A 124 11.17 -25.77 -3.97
N THR A 125 10.43 -26.18 -2.95
CA THR A 125 10.48 -27.56 -2.46
C THR A 125 9.11 -27.95 -1.93
N PHE A 126 8.91 -29.24 -1.68
CA PHE A 126 7.66 -29.72 -1.08
C PHE A 126 7.75 -29.55 0.42
N TYR A 127 6.70 -28.95 0.98
CA TYR A 127 6.75 -28.49 2.33
C TYR A 127 5.33 -28.41 2.87
N ILE A 128 5.20 -28.34 4.20
CA ILE A 128 3.95 -27.92 4.82
C ILE A 128 3.94 -26.39 4.79
N ASP A 129 3.45 -25.84 3.67
CA ASP A 129 3.66 -24.45 3.30
C ASP A 129 2.54 -23.55 3.83
N ARG A 130 2.51 -23.39 5.14
CA ARG A 130 1.48 -22.65 5.86
C ARG A 130 2.13 -22.05 7.10
N PRO A 131 1.71 -20.83 7.48
CA PRO A 131 2.47 -20.03 8.45
C PRO A 131 2.41 -20.47 9.91
N ASP A 132 1.48 -21.36 10.25
CA ASP A 132 1.42 -21.91 11.62
C ASP A 132 2.41 -23.07 11.86
N VAL A 133 3.07 -23.49 10.78
CA VAL A 133 4.17 -24.44 10.84
C VAL A 133 5.50 -23.66 10.86
N MSE A 134 6.18 -23.68 12.00
CA MSE A 134 7.41 -22.88 12.16
C MSE A 134 8.59 -23.83 12.41
O MSE A 134 8.51 -24.78 13.18
CB MSE A 134 7.27 -21.89 13.31
CG MSE A 134 6.07 -20.96 13.16
SE MSE A 134 5.66 -19.93 14.77
CE MSE A 134 7.08 -18.57 14.66
N SER A 135 9.69 -23.54 11.76
CA SER A 135 10.81 -24.44 11.74
C SER A 135 12.13 -23.66 11.77
N LYS A 136 13.19 -24.30 12.22
CA LYS A 136 14.49 -23.68 12.20
C LYS A 136 15.28 -24.06 10.93
N PHE A 137 15.61 -23.05 10.13
CA PHE A 137 16.19 -23.27 8.79
C PHE A 137 17.73 -23.11 8.84
N THR A 138 18.44 -23.99 8.16
CA THR A 138 19.87 -23.83 7.87
C THR A 138 20.01 -24.11 6.38
N THR A 139 20.64 -23.17 5.67
CA THR A 139 20.68 -23.18 4.22
C THR A 139 22.11 -23.23 3.73
N THR A 140 22.43 -24.24 2.91
CA THR A 140 23.72 -24.34 2.24
C THR A 140 23.50 -23.99 0.78
N ILE A 141 24.44 -23.24 0.21
CA ILE A 141 24.32 -22.76 -1.17
C ILE A 141 25.64 -22.98 -1.89
N VAL A 142 25.59 -23.66 -3.03
CA VAL A 142 26.78 -23.92 -3.84
C VAL A 142 26.53 -23.30 -5.21
N ALA A 143 27.54 -22.64 -5.75
CA ALA A 143 27.43 -21.89 -7.01
C ALA A 143 28.80 -21.49 -7.57
N ASP A 144 28.82 -21.13 -8.84
CA ASP A 144 30.00 -20.58 -9.50
C ASP A 144 30.38 -19.24 -8.87
N LYS A 145 31.64 -19.13 -8.44
CA LYS A 145 32.08 -17.98 -7.67
C LYS A 145 32.11 -16.69 -8.45
N LYS A 146 32.53 -16.76 -9.71
CA LYS A 146 32.61 -15.56 -10.54
C LYS A 146 31.24 -15.04 -10.92
N ARG A 147 30.34 -15.93 -11.30
CA ARG A 147 28.97 -15.56 -11.62
C ARG A 147 28.15 -15.16 -10.37
N TYR A 148 28.33 -15.91 -9.28
CA TYR A 148 27.57 -15.69 -8.05
C TYR A 148 28.49 -15.51 -6.85
N PRO A 149 29.26 -14.40 -6.79
CA PRO A 149 30.14 -14.19 -5.63
C PRO A 149 29.35 -13.96 -4.31
N VAL A 150 28.11 -13.50 -4.43
CA VAL A 150 27.31 -13.16 -3.27
C VAL A 150 26.24 -14.23 -3.08
N LEU A 151 26.32 -14.97 -1.95
CA LEU A 151 25.34 -16.00 -1.62
C LEU A 151 24.79 -15.78 -0.23
N LEU A 152 23.51 -15.45 -0.15
CA LEU A 152 22.84 -15.03 1.07
C LEU A 152 21.59 -15.85 1.36
N SER A 153 21.34 -16.09 2.64
CA SER A 153 20.07 -16.61 3.10
C SER A 153 19.85 -16.03 4.50
N ASN A 154 18.72 -16.36 5.11
CA ASN A 154 18.41 -15.80 6.43
C ASN A 154 19.38 -16.27 7.51
N GLY A 155 19.71 -15.33 8.42
CA GLY A 155 20.34 -15.66 9.68
C GLY A 155 21.79 -15.30 9.73
N ASN A 156 22.57 -16.19 10.34
CA ASN A 156 24.01 -16.01 10.54
C ASN A 156 24.78 -16.91 9.60
N LYS A 157 25.79 -16.34 8.93
CA LYS A 157 26.68 -17.13 8.08
C LYS A 157 27.66 -17.90 8.97
N ILE A 158 27.52 -19.23 9.01
CA ILE A 158 28.27 -20.07 9.98
C ILE A 158 29.39 -20.89 9.35
N ASP A 159 29.37 -21.03 8.04
CA ASP A 159 30.46 -21.71 7.34
C ASP A 159 30.47 -21.32 5.85
N GLY A 160 31.53 -21.70 5.17
CA GLY A 160 31.69 -21.49 3.73
C GLY A 160 33.08 -21.94 3.34
N GLY A 161 33.34 -22.00 2.04
CA GLY A 161 34.62 -22.43 1.50
C GLY A 161 34.66 -22.41 -0.01
N GLU A 162 35.76 -22.89 -0.55
CA GLU A 162 36.01 -22.92 -2.00
C GLU A 162 36.09 -24.34 -2.49
N PHE A 163 35.81 -24.53 -3.77
CA PHE A 163 36.10 -25.78 -4.48
C PHE A 163 37.14 -25.49 -5.59
N SER A 164 37.93 -26.51 -5.96
CA SER A 164 38.98 -26.37 -6.99
C SER A 164 38.50 -26.10 -8.41
N ASP A 165 37.20 -26.33 -8.65
CA ASP A 165 36.60 -26.19 -9.97
C ASP A 165 35.95 -24.82 -10.24
N GLY A 166 36.27 -23.83 -9.42
CA GLY A 166 35.70 -22.49 -9.61
C GLY A 166 34.40 -22.25 -8.87
N ARG A 167 33.92 -23.25 -8.15
CA ARG A 167 32.71 -23.07 -7.35
C ARG A 167 33.04 -22.73 -5.90
N HIS A 168 32.02 -22.27 -5.18
CA HIS A 168 32.16 -22.02 -3.75
C HIS A 168 30.82 -22.17 -3.04
N TRP A 169 30.85 -22.17 -1.72
CA TRP A 169 29.64 -22.45 -0.93
C TRP A 169 29.60 -21.62 0.33
N VAL A 170 28.39 -21.45 0.86
CA VAL A 170 28.20 -20.79 2.14
C VAL A 170 27.14 -21.57 2.90
N LYS A 171 27.06 -21.37 4.21
CA LYS A 171 26.04 -22.00 5.03
C LYS A 171 25.48 -20.97 6.01
N TRP A 172 24.16 -20.86 5.99
CA TRP A 172 23.44 -19.85 6.75
C TRP A 172 22.54 -20.52 7.77
N GLU A 173 22.62 -20.07 9.01
CA GLU A 173 21.82 -20.64 10.08
C GLU A 173 20.91 -19.58 10.67
N ASP A 174 19.61 -19.78 10.54
CA ASP A 174 18.66 -18.89 11.17
C ASP A 174 18.13 -19.59 12.42
N PRO A 175 18.57 -19.14 13.60
CA PRO A 175 18.20 -19.84 14.85
C PRO A 175 16.76 -19.57 15.27
N PHE A 176 16.09 -18.57 14.69
CA PHE A 176 14.68 -18.32 15.06
C PHE A 176 13.71 -19.16 14.22
N SER A 177 12.85 -19.95 14.87
CA SER A 177 11.77 -20.69 14.17
C SER A 177 10.93 -19.73 13.37
N LYS A 178 10.66 -20.12 12.14
CA LYS A 178 9.91 -19.27 11.24
C LYS A 178 9.02 -20.06 10.31
N PRO A 179 7.92 -19.43 9.85
CA PRO A 179 7.13 -20.03 8.78
C PRO A 179 7.91 -19.94 7.45
N SER A 180 7.54 -20.80 6.51
CA SER A 180 8.21 -20.87 5.22
C SER A 180 8.10 -19.56 4.39
N TYR A 181 7.05 -18.76 4.59
CA TYR A 181 6.92 -17.51 3.80
C TYR A 181 8.05 -16.48 4.08
N LEU A 182 8.78 -16.67 5.16
CA LEU A 182 9.87 -15.76 5.55
C LEU A 182 11.25 -16.23 5.12
N PHE A 183 11.31 -17.37 4.43
CA PHE A 183 12.53 -17.82 3.78
C PHE A 183 12.96 -16.89 2.63
N ALA A 184 14.27 -16.62 2.57
CA ALA A 184 14.85 -15.94 1.44
C ALA A 184 16.23 -16.47 1.03
N LEU A 185 16.50 -16.41 -0.26
CA LEU A 185 17.81 -16.71 -0.81
C LEU A 185 18.11 -15.69 -1.92
N VAL A 186 19.36 -15.21 -1.94
CA VAL A 186 19.88 -14.37 -3.04
C VAL A 186 21.21 -14.96 -3.52
N ALA A 187 21.41 -15.02 -4.81
CA ALA A 187 22.68 -15.44 -5.38
C ALA A 187 22.97 -14.47 -6.51
N GLY A 188 24.08 -13.75 -6.40
CA GLY A 188 24.37 -12.80 -7.46
C GLY A 188 25.69 -12.09 -7.43
N ASP A 189 25.90 -11.27 -8.47
CA ASP A 189 27.08 -10.44 -8.53
C ASP A 189 26.58 -9.07 -8.12
N LEU A 190 26.64 -8.77 -6.82
CA LEU A 190 26.05 -7.54 -6.30
C LEU A 190 27.06 -6.78 -5.46
N ALA A 191 26.97 -5.44 -5.47
CA ALA A 191 27.74 -4.53 -4.62
C ALA A 191 27.13 -4.39 -3.22
N VAL A 192 27.96 -4.18 -2.22
CA VAL A 192 27.48 -4.06 -0.86
C VAL A 192 27.84 -2.69 -0.31
N THR A 193 26.89 -2.11 0.42
CA THR A 193 27.12 -0.94 1.23
C THR A 193 26.97 -1.39 2.68
N GLU A 194 28.01 -1.15 3.48
CA GLU A 194 28.05 -1.56 4.87
C GLU A 194 27.90 -0.40 5.83
N ASP A 195 27.16 -0.62 6.91
CA ASP A 195 27.05 0.35 7.99
C ASP A 195 26.71 -0.44 9.23
N TYR A 196 26.31 0.26 10.29
CA TYR A 196 25.95 -0.43 11.55
C TYR A 196 25.06 0.37 12.46
N PHE A 197 24.39 -0.33 13.36
CA PHE A 197 23.59 0.26 14.43
C PHE A 197 24.02 -0.48 15.71
N THR A 198 24.04 0.23 16.84
CA THR A 198 24.33 -0.39 18.12
C THR A 198 23.04 -0.32 18.92
N THR A 199 22.55 -1.49 19.33
CA THR A 199 21.26 -1.59 20.00
C THR A 199 21.37 -0.94 21.40
N MSE A 200 20.23 -0.76 22.07
CA MSE A 200 20.27 -0.07 23.35
C MSE A 200 20.94 -0.91 24.45
O MSE A 200 21.38 -0.38 25.48
CB MSE A 200 18.90 0.43 23.78
CG MSE A 200 17.95 -0.66 24.15
SE MSE A 200 16.14 0.08 24.34
CE MSE A 200 15.26 -1.53 23.92
N SER A 201 21.08 -2.21 24.22
CA SER A 201 21.82 -3.04 25.13
C SER A 201 23.30 -3.21 24.72
N GLY A 202 23.75 -2.42 23.74
CA GLY A 202 25.18 -2.36 23.38
C GLY A 202 25.65 -3.33 22.31
N ARG A 203 24.72 -3.99 21.64
CA ARG A 203 25.11 -4.90 20.57
C ARG A 203 25.14 -4.24 19.17
N ASN A 204 26.32 -4.23 18.54
CA ASN A 204 26.43 -3.81 17.14
C ASN A 204 25.63 -4.75 16.22
N VAL A 205 24.95 -4.16 15.25
CA VAL A 205 24.25 -4.87 14.18
C VAL A 205 24.88 -4.42 12.88
N LYS A 206 25.55 -5.33 12.17
CA LYS A 206 26.09 -4.97 10.88
C LYS A 206 24.96 -4.84 9.85
N ILE A 207 24.91 -3.70 9.19
CA ILE A 207 23.93 -3.41 8.14
C ILE A 207 24.58 -3.58 6.76
N GLU A 208 23.96 -4.40 5.91
CA GLU A 208 24.45 -4.55 4.53
C GLU A 208 23.31 -4.35 3.55
N PHE A 209 23.44 -3.36 2.67
CA PHE A 209 22.52 -3.19 1.54
C PHE A 209 23.21 -3.65 0.27
N TYR A 210 22.58 -4.58 -0.44
CA TYR A 210 23.09 -5.12 -1.69
C TYR A 210 22.33 -4.55 -2.89
N THR A 211 23.08 -4.06 -3.86
CA THR A 211 22.50 -3.46 -5.06
C THR A 211 23.37 -3.80 -6.27
N THR A 212 22.96 -3.38 -7.46
CA THR A 212 23.93 -3.45 -8.55
C THR A 212 25.05 -2.44 -8.28
N GLU A 213 26.15 -2.64 -8.98
CA GLU A 213 27.29 -1.78 -8.86
C GLU A 213 26.89 -0.34 -9.23
N ALA A 214 26.07 -0.19 -10.25
CA ALA A 214 25.62 1.14 -10.73
C ALA A 214 24.63 1.89 -9.80
N ASP A 215 23.80 1.13 -9.08
CA ASP A 215 22.79 1.68 -8.15
C ASP A 215 23.35 2.01 -6.77
N LYS A 216 24.58 1.57 -6.47
CA LYS A 216 25.14 1.73 -5.11
C LYS A 216 25.15 3.17 -4.61
N PRO A 217 25.55 4.13 -5.48
CA PRO A 217 25.50 5.52 -5.00
C PRO A 217 24.11 6.06 -4.60
N LYS A 218 23.04 5.31 -4.91
CA LYS A 218 21.67 5.75 -4.63
C LYS A 218 21.08 5.15 -3.34
N VAL A 219 21.89 4.38 -2.63
CA VAL A 219 21.38 3.63 -1.49
C VAL A 219 21.57 4.30 -0.13
N GLY A 220 22.35 5.38 -0.07
CA GLY A 220 22.61 6.09 1.19
C GLY A 220 21.42 6.53 2.04
N PHE A 221 20.41 7.11 1.41
CA PHE A 221 19.21 7.50 2.15
C PHE A 221 18.43 6.34 2.80
N ALA A 222 18.29 5.21 2.11
CA ALA A 222 17.72 3.99 2.69
C ALA A 222 18.49 3.51 3.92
N VAL A 223 19.83 3.56 3.86
CA VAL A 223 20.65 3.19 5.00
C VAL A 223 20.40 4.10 6.19
N GLU A 224 20.39 5.40 5.95
CA GLU A 224 20.04 6.33 7.02
C GLU A 224 18.64 6.11 7.56
N SER A 225 17.71 5.82 6.68
CA SER A 225 16.33 5.51 7.07
C SER A 225 16.23 4.28 7.97
N LEU A 226 17.00 3.24 7.67
CA LEU A 226 16.96 2.01 8.49
C LEU A 226 17.41 2.28 9.92
N LYS A 227 18.53 3.00 10.03
CA LYS A 227 19.09 3.36 11.34
C LYS A 227 18.09 4.18 12.14
N ASN A 228 17.44 5.13 11.48
CA ASN A 228 16.34 5.89 12.12
C ASN A 228 15.27 4.95 12.63
N ALA A 229 14.91 3.99 11.78
CA ALA A 229 13.82 3.05 12.12
C ALA A 229 14.19 2.17 13.30
N MSE A 230 15.43 1.70 13.30
CA MSE A 230 15.91 0.85 14.39
C MSE A 230 15.91 1.61 15.74
O MSE A 230 15.46 1.08 16.77
CB MSE A 230 17.28 0.30 14.05
CG MSE A 230 17.29 -0.68 12.86
SE MSE A 230 19.09 -1.40 12.52
CE MSE A 230 19.14 -2.70 13.94
N LYS A 231 16.41 2.85 15.74
CA LYS A 231 16.41 3.68 16.96
C LYS A 231 14.98 3.94 17.45
N TRP A 232 14.11 4.36 16.53
CA TRP A 232 12.69 4.58 16.80
C TRP A 232 11.91 3.39 17.39
N ASP A 233 12.13 2.17 16.89
CA ASP A 233 11.43 1.02 17.45
C ASP A 233 11.85 0.79 18.92
N GLU A 234 13.08 1.21 19.22
CA GLU A 234 13.59 1.15 20.57
C GLU A 234 12.97 2.24 21.42
N THR A 235 13.02 3.49 20.96
CA THR A 235 12.48 4.58 21.78
C THR A 235 10.95 4.57 21.89
N ARG A 236 10.26 4.30 20.79
CA ARG A 236 8.80 4.38 20.81
C ARG A 236 8.15 3.09 21.33
N PHE A 237 8.63 1.93 20.88
CA PHE A 237 8.04 0.65 21.26
C PHE A 237 8.83 -0.20 22.26
N GLY A 238 10.07 0.18 22.59
CA GLY A 238 10.94 -0.65 23.41
C GLY A 238 11.36 -1.94 22.72
N LEU A 239 11.43 -1.92 21.38
CA LEU A 239 11.78 -3.11 20.62
C LEU A 239 13.19 -3.09 20.05
N GLU A 240 13.94 -4.14 20.38
CA GLU A 240 15.34 -4.27 19.96
C GLU A 240 15.48 -5.36 18.94
N TYR A 241 16.38 -5.13 17.98
CA TYR A 241 16.73 -6.13 16.97
C TYR A 241 17.42 -7.34 17.61
N ASP A 242 17.26 -8.53 17.01
CA ASP A 242 17.65 -9.79 17.64
C ASP A 242 18.77 -10.60 16.98
N LEU A 243 19.35 -10.09 15.89
CA LEU A 243 20.51 -10.72 15.26
C LEU A 243 21.61 -9.66 15.22
N ASP A 244 22.84 -10.08 14.89
CA ASP A 244 23.93 -9.10 14.70
C ASP A 244 24.16 -8.71 13.23
N ILE A 245 23.21 -9.03 12.35
CA ILE A 245 23.34 -8.80 10.92
C ILE A 245 21.95 -8.48 10.41
N PHE A 246 21.84 -7.44 9.60
CA PHE A 246 20.59 -7.13 8.92
C PHE A 246 20.92 -6.78 7.47
N MSE A 247 20.43 -7.58 6.53
CA MSE A 247 20.66 -7.37 5.07
C MSE A 247 19.45 -6.90 4.31
O MSE A 247 18.32 -7.33 4.57
CB MSE A 247 21.16 -8.66 4.44
CG MSE A 247 22.49 -9.15 4.99
SE MSE A 247 22.86 -10.96 4.43
CE MSE A 247 21.78 -11.96 5.74
N VAL A 248 19.66 -6.00 3.35
CA VAL A 248 18.61 -5.50 2.46
C VAL A 248 19.12 -5.67 1.03
N VAL A 249 18.31 -6.29 0.19
CA VAL A 249 18.71 -6.55 -1.19
C VAL A 249 17.68 -5.86 -2.09
N ALA A 250 18.15 -4.99 -2.97
CA ALA A 250 17.33 -4.31 -3.99
C ALA A 250 17.21 -5.15 -5.25
N VAL A 251 16.00 -5.27 -5.79
CA VAL A 251 15.78 -6.00 -7.06
C VAL A 251 14.77 -5.26 -7.97
N GLY A 252 15.12 -5.06 -9.24
CA GLY A 252 14.26 -4.34 -10.18
C GLY A 252 13.05 -5.06 -10.74
N ASP A 253 13.04 -6.39 -10.65
CA ASP A 253 11.87 -7.22 -11.00
C ASP A 253 11.20 -7.75 -9.71
N PHE A 254 10.12 -7.13 -9.25
CA PHE A 254 9.54 -7.47 -7.94
C PHE A 254 8.07 -7.08 -7.96
N ASN A 255 7.21 -7.98 -7.51
CA ASN A 255 5.75 -7.77 -7.53
C ASN A 255 5.26 -6.86 -6.41
N MSE A 256 5.76 -7.05 -5.21
CA MSE A 256 5.41 -6.14 -4.12
C MSE A 256 6.30 -4.89 -4.08
O MSE A 256 7.06 -4.61 -5.02
CB MSE A 256 5.38 -6.87 -2.78
CG MSE A 256 4.57 -8.18 -2.86
SE MSE A 256 2.76 -7.92 -3.64
CE MSE A 256 1.77 -7.22 -2.09
N GLY A 257 6.09 -4.09 -3.06
CA GLY A 257 7.02 -3.05 -2.76
C GLY A 257 8.28 -3.63 -2.14
N ALA A 258 8.11 -4.52 -1.16
CA ALA A 258 9.25 -5.01 -0.36
C ALA A 258 8.78 -6.16 0.54
N MSE A 259 9.74 -6.87 1.14
CA MSE A 259 9.44 -8.12 1.83
C MSE A 259 10.33 -8.34 3.02
O MSE A 259 11.56 -8.30 2.89
CB MSE A 259 9.57 -9.30 0.84
CG MSE A 259 9.29 -10.63 1.53
SE MSE A 259 7.43 -10.74 2.07
CE MSE A 259 7.67 -11.90 3.63
N GLU A 260 9.70 -8.59 4.16
CA GLU A 260 10.36 -8.59 5.48
C GLU A 260 11.08 -9.87 5.90
N ASN A 261 11.51 -10.69 4.95
CA ASN A 261 12.15 -11.95 5.31
C ASN A 261 13.24 -11.74 6.38
N LYS A 262 13.25 -12.62 7.39
CA LYS A 262 14.02 -12.41 8.61
C LYS A 262 15.49 -12.14 8.32
N GLY A 263 15.98 -10.95 8.69
CA GLY A 263 17.39 -10.60 8.55
C GLY A 263 17.87 -10.46 7.10
N LEU A 264 16.96 -10.69 6.17
CA LEU A 264 17.28 -10.63 4.73
C LEU A 264 16.11 -10.10 3.94
N ASN A 265 15.81 -8.83 4.17
CA ASN A 265 14.69 -8.19 3.45
C ASN A 265 15.02 -8.05 1.97
N ILE A 266 14.01 -8.23 1.13
CA ILE A 266 14.18 -8.05 -0.31
C ILE A 266 13.19 -6.96 -0.73
N PHE A 267 13.72 -5.98 -1.45
CA PHE A 267 13.00 -4.75 -1.79
C PHE A 267 12.95 -4.49 -3.28
N ASN A 268 11.79 -4.07 -3.79
CA ASN A 268 11.75 -3.36 -5.08
C ASN A 268 12.72 -2.18 -5.02
N THR A 269 13.53 -2.01 -6.07
CA THR A 269 14.42 -0.85 -6.20
C THR A 269 13.74 0.50 -5.93
N LYS A 270 12.45 0.65 -6.26
CA LYS A 270 11.77 1.94 -6.06
C LYS A 270 11.66 2.33 -4.58
N PHE A 271 11.70 1.34 -3.70
CA PHE A 271 11.66 1.68 -2.28
C PHE A 271 13.00 1.60 -1.58
N VAL A 272 14.07 1.68 -2.37
CA VAL A 272 15.42 1.57 -1.84
C VAL A 272 16.36 2.67 -2.42
N LEU A 273 16.19 3.03 -3.69
CA LEU A 273 17.13 3.92 -4.41
C LEU A 273 16.60 5.31 -4.61
N ALA A 274 17.41 6.31 -4.28
CA ALA A 274 17.10 7.72 -4.49
C ALA A 274 18.40 8.50 -4.57
N ASP A 275 18.42 9.51 -5.43
CA ASP A 275 19.20 10.72 -5.12
C ASP A 275 18.33 11.88 -5.61
N SER A 276 18.67 13.13 -5.28
CA SER A 276 17.82 14.25 -5.68
C SER A 276 17.73 14.47 -7.18
N ARG A 277 18.76 14.09 -7.91
CA ARG A 277 18.73 14.21 -9.36
C ARG A 277 17.69 13.27 -10.01
N THR A 278 17.48 12.09 -9.42
CA THR A 278 16.65 11.08 -10.05
C THR A 278 15.40 10.67 -9.26
N ALA A 279 15.24 11.17 -8.05
CA ALA A 279 14.10 10.78 -7.24
C ALA A 279 13.40 11.98 -6.66
N THR A 280 12.08 11.93 -6.58
CA THR A 280 11.28 13.00 -5.99
C THR A 280 11.28 12.93 -4.47
N ASP A 281 10.87 14.02 -3.84
CA ASP A 281 10.65 14.07 -2.42
C ASP A 281 9.70 12.96 -1.95
N THR A 282 8.61 12.72 -2.69
CA THR A 282 7.68 11.62 -2.42
C THR A 282 8.37 10.24 -2.48
N ASP A 283 9.23 10.00 -3.48
CA ASP A 283 10.08 8.82 -3.51
C ASP A 283 10.92 8.64 -2.24
N PHE A 284 11.62 9.69 -1.79
CA PHE A 284 12.34 9.66 -0.50
C PHE A 284 11.44 9.33 0.69
N GLU A 285 10.30 9.99 0.77
CA GLU A 285 9.30 9.67 1.79
C GLU A 285 8.88 8.20 1.76
N GLY A 286 8.68 7.68 0.55
CA GLY A 286 8.34 6.29 0.39
C GLY A 286 9.42 5.35 0.87
N ILE A 287 10.69 5.68 0.57
CA ILE A 287 11.80 4.84 1.02
C ILE A 287 11.83 4.80 2.54
N GLU A 288 11.71 5.97 3.15
CA GLU A 288 11.72 6.05 4.61
C GLU A 288 10.59 5.22 5.27
N SER A 289 9.36 5.27 4.71
CA SER A 289 8.22 4.47 5.21
C SER A 289 8.41 2.98 5.07
N VAL A 290 8.86 2.57 3.90
CA VAL A 290 8.90 1.15 3.56
C VAL A 290 10.14 0.49 4.19
N VAL A 291 11.27 1.19 4.15
CA VAL A 291 12.45 0.68 4.87
C VAL A 291 12.03 0.42 6.36
N GLY A 292 11.40 1.42 6.96
CA GLY A 292 10.84 1.31 8.31
C GLY A 292 9.86 0.16 8.44
N HIS A 293 8.78 0.20 7.65
CA HIS A 293 7.81 -0.92 7.54
C HIS A 293 8.46 -2.29 7.64
N GLU A 294 9.38 -2.63 6.74
CA GLU A 294 9.94 -3.98 6.71
C GLU A 294 10.74 -4.35 7.96
N TYR A 295 11.51 -3.38 8.47
CA TYR A 295 12.19 -3.53 9.75
C TYR A 295 11.16 -3.74 10.90
N PHE A 296 10.07 -2.97 10.90
CA PHE A 296 9.03 -3.09 11.97
C PHE A 296 8.38 -4.49 11.98
N HIS A 297 8.32 -5.14 10.80
CA HIS A 297 7.84 -6.54 10.66
C HIS A 297 8.68 -7.53 11.45
N ASN A 298 9.91 -7.15 11.82
CA ASN A 298 10.76 -8.08 12.56
C ASN A 298 10.07 -8.54 13.88
N TRP A 299 9.37 -7.61 14.52
CA TRP A 299 8.51 -7.97 15.66
C TRP A 299 7.07 -8.25 15.26
N THR A 300 6.46 -7.33 14.53
CA THR A 300 5.05 -7.48 14.18
C THR A 300 4.91 -8.21 12.83
N GLY A 301 5.07 -9.53 12.88
CA GLY A 301 5.02 -10.40 11.73
C GLY A 301 6.04 -11.52 11.77
N ASN A 302 7.26 -11.22 12.21
CA ASN A 302 8.29 -12.27 12.26
C ASN A 302 8.34 -12.96 13.65
N ARG A 303 8.60 -12.18 14.70
CA ARG A 303 8.72 -12.75 16.05
C ARG A 303 7.36 -13.27 16.49
N VAL A 304 6.31 -12.53 16.12
CA VAL A 304 4.93 -13.01 16.21
C VAL A 304 4.38 -12.99 14.79
N THR A 305 4.00 -14.17 14.29
CA THR A 305 3.46 -14.31 12.96
C THR A 305 1.94 -14.63 12.92
N CYS A 306 1.46 -15.08 11.78
CA CYS A 306 0.02 -15.26 11.49
C CYS A 306 -0.31 -16.74 11.51
N ARG A 307 -1.36 -17.11 12.27
CA ARG A 307 -1.79 -18.50 12.34
C ARG A 307 -2.17 -19.04 10.95
N ASP A 308 -2.74 -18.16 10.11
CA ASP A 308 -3.28 -18.53 8.79
C ASP A 308 -3.37 -17.23 8.02
N TRP A 309 -3.59 -17.33 6.70
CA TRP A 309 -3.62 -16.13 5.85
C TRP A 309 -4.82 -15.24 6.01
N PHE A 310 -5.93 -15.75 6.56
CA PHE A 310 -7.07 -14.87 6.90
C PHE A 310 -6.61 -13.79 7.87
N GLN A 311 -5.59 -14.10 8.67
CA GLN A 311 -5.06 -13.18 9.69
C GLN A 311 -4.06 -12.15 9.15
N LEU A 312 -3.94 -12.04 7.82
CA LEU A 312 -2.89 -11.20 7.22
C LEU A 312 -2.77 -9.80 7.87
N SER A 313 -3.91 -9.17 8.13
CA SER A 313 -3.91 -7.80 8.68
C SER A 313 -3.33 -7.70 10.09
N LEU A 314 -3.32 -8.81 10.83
CA LEU A 314 -2.62 -8.89 12.12
C LEU A 314 -1.20 -8.36 12.02
N LYS A 315 -0.48 -8.74 10.96
CA LYS A 315 0.85 -8.17 10.71
C LYS A 315 0.82 -6.93 9.82
N GLU A 316 -0.02 -6.90 8.77
CA GLU A 316 -0.01 -5.78 7.81
C GLU A 316 -0.64 -4.51 8.35
N GLY A 317 -1.81 -4.63 8.99
CA GLY A 317 -2.45 -3.43 9.55
C GLY A 317 -1.57 -2.86 10.65
N LEU A 318 -1.07 -3.73 11.50
CA LEU A 318 -0.22 -3.29 12.60
C LEU A 318 1.09 -2.70 12.07
N THR A 319 1.69 -3.31 11.05
CA THR A 319 3.00 -2.78 10.57
C THR A 319 2.82 -1.46 9.79
N VAL A 320 1.70 -1.33 9.07
CA VAL A 320 1.40 -0.05 8.41
C VAL A 320 1.23 1.06 9.45
N PHE A 321 0.39 0.83 10.47
CA PHE A 321 0.24 1.79 11.56
C PHE A 321 1.65 2.18 12.11
N ARG A 322 2.50 1.18 12.34
CA ARG A 322 3.87 1.42 12.81
C ARG A 322 4.70 2.30 11.88
N ASP A 323 4.65 2.02 10.57
CA ASP A 323 5.40 2.83 9.63
C ASP A 323 4.81 4.25 9.56
N GLN A 324 3.48 4.35 9.71
CA GLN A 324 2.84 5.69 9.72
C GLN A 324 3.26 6.56 10.92
N GLU A 325 3.34 5.92 12.08
CA GLU A 325 3.73 6.56 13.33
C GLU A 325 5.20 6.94 13.27
N PHE A 326 6.01 6.07 12.64
CA PHE A 326 7.43 6.36 12.46
C PHE A 326 7.61 7.60 11.58
N SER A 327 6.92 7.64 10.44
CA SER A 327 7.00 8.77 9.50
C SER A 327 6.48 10.08 10.09
N GLY A 328 5.42 9.99 10.89
CA GLY A 328 4.81 11.18 11.51
C GLY A 328 5.68 11.70 12.63
N ASP A 329 6.33 10.78 13.36
CA ASP A 329 7.31 11.20 14.38
C ASP A 329 8.55 11.85 13.74
N ARG A 330 8.98 11.38 12.56
CA ARG A 330 10.08 12.03 11.83
C ARG A 330 9.78 13.49 11.52
N ALA A 331 8.64 13.73 10.86
CA ALA A 331 8.31 15.05 10.30
C ALA A 331 6.85 15.18 9.91
N SER A 332 6.33 16.41 9.98
CA SER A 332 5.05 16.74 9.37
C SER A 332 3.90 15.75 9.70
N ARG A 333 3.64 15.55 10.98
CA ARG A 333 2.65 14.55 11.40
C ARG A 333 1.25 14.73 10.76
N ALA A 334 0.72 15.93 10.91
CA ALA A 334 -0.61 16.27 10.44
C ALA A 334 -0.74 16.18 8.91
N VAL A 335 0.21 16.75 8.18
CA VAL A 335 0.21 16.62 6.71
C VAL A 335 0.26 15.15 6.31
N ARG A 336 1.07 14.35 6.98
CA ARG A 336 1.19 12.94 6.62
C ARG A 336 -0.08 12.17 6.94
N ARG A 337 -0.74 12.51 8.06
CA ARG A 337 -2.01 11.85 8.43
C ARG A 337 -3.05 12.05 7.33
N ILE A 338 -3.20 13.31 6.91
CA ILE A 338 -4.10 13.70 5.81
C ILE A 338 -3.81 12.90 4.54
N GLU A 339 -2.52 12.78 4.17
CA GLU A 339 -2.15 11.98 3.01
C GLU A 339 -2.63 10.54 3.12
N ASN A 340 -2.47 9.91 4.29
CA ASN A 340 -2.99 8.54 4.53
C ASN A 340 -4.51 8.45 4.46
N ILE A 341 -5.20 9.46 4.99
CA ILE A 341 -6.65 9.54 4.95
C ILE A 341 -7.14 9.66 3.52
N ARG A 342 -6.54 10.60 2.78
CA ARG A 342 -6.84 10.81 1.38
C ARG A 342 -6.65 9.52 0.57
N LEU A 343 -5.57 8.77 0.86
CA LEU A 343 -5.28 7.51 0.13
C LEU A 343 -6.36 6.49 0.40
N LEU A 344 -6.75 6.39 1.66
CA LEU A 344 -7.77 5.44 2.06
C LEU A 344 -9.08 5.76 1.37
N ARG A 345 -9.44 7.04 1.37
CA ARG A 345 -10.73 7.43 0.78
C ARG A 345 -10.73 7.27 -0.74
N GLN A 346 -9.59 7.52 -1.37
N GLN A 346 -9.59 7.54 -1.37
CA GLN A 346 -9.47 7.45 -2.84
CA GLN A 346 -9.48 7.44 -2.82
C GLN A 346 -9.32 6.02 -3.39
C GLN A 346 -9.47 5.98 -3.32
N HIS A 347 -8.83 5.09 -2.58
CA HIS A 347 -8.60 3.72 -3.06
C HIS A 347 -9.26 2.63 -2.21
N GLN A 348 -9.37 2.83 -0.90
CA GLN A 348 -9.94 1.75 -0.09
C GLN A 348 -11.48 1.81 -0.10
N PHE A 349 -12.00 3.03 0.01
CA PHE A 349 -13.47 3.24 -0.01
C PHE A 349 -14.13 2.63 -1.24
N PRO A 350 -13.60 2.90 -2.47
CA PRO A 350 -14.13 2.19 -3.62
C PRO A 350 -14.05 0.67 -3.53
N GLU A 351 -13.01 0.14 -2.90
CA GLU A 351 -12.89 -1.32 -2.76
C GLU A 351 -14.04 -1.83 -1.92
N ASP A 352 -14.29 -1.12 -0.81
CA ASP A 352 -15.34 -1.50 0.14
C ASP A 352 -16.74 -1.33 -0.47
N ALA A 353 -16.88 -0.44 -1.46
CA ALA A 353 -18.17 -0.16 -2.12
C ALA A 353 -18.39 -1.05 -3.34
N GLY A 354 -17.37 -1.86 -3.66
CA GLY A 354 -17.40 -2.62 -4.89
C GLY A 354 -17.55 -4.12 -4.72
N PRO A 355 -17.47 -4.85 -5.85
CA PRO A 355 -17.72 -6.29 -5.89
C PRO A 355 -16.65 -7.13 -5.24
N THR A 356 -15.45 -6.57 -5.04
CA THR A 356 -14.41 -7.34 -4.37
C THR A 356 -14.28 -6.99 -2.87
N ALA A 357 -15.26 -6.27 -2.30
CA ALA A 357 -15.19 -5.85 -0.90
C ALA A 357 -15.00 -7.07 0.01
N HIS A 358 -14.25 -6.87 1.10
CA HIS A 358 -13.99 -7.95 2.07
C HIS A 358 -13.72 -7.37 3.46
N PRO A 359 -13.96 -8.18 4.50
CA PRO A 359 -13.56 -7.76 5.86
C PRO A 359 -12.04 -7.64 5.95
N VAL A 360 -11.58 -6.85 6.92
CA VAL A 360 -10.18 -6.71 7.24
C VAL A 360 -9.56 -8.11 7.49
N ARG A 361 -10.36 -8.99 8.08
CA ARG A 361 -10.00 -10.42 8.17
C ARG A 361 -11.03 -11.22 7.34
N PRO A 362 -10.70 -11.56 6.07
CA PRO A 362 -11.64 -12.30 5.20
C PRO A 362 -12.13 -13.61 5.81
N ALA A 363 -13.36 -14.02 5.50
CA ALA A 363 -13.84 -15.34 5.92
C ALA A 363 -13.50 -16.39 4.88
N SER A 364 -13.17 -15.98 3.65
CA SER A 364 -12.78 -16.92 2.60
C SER A 364 -12.00 -16.26 1.48
N TYR A 365 -11.28 -17.06 0.72
CA TYR A 365 -10.57 -16.56 -0.45
C TYR A 365 -10.35 -17.77 -1.34
N GLU A 366 -10.20 -17.53 -2.65
CA GLU A 366 -9.78 -18.60 -3.56
C GLU A 366 -8.26 -18.52 -3.75
N GLU A 367 -7.78 -17.32 -4.04
CA GLU A 367 -6.37 -17.06 -4.23
C GLU A 367 -5.89 -15.98 -3.25
N MSE A 368 -5.01 -16.35 -2.34
CA MSE A 368 -4.57 -15.42 -1.30
C MSE A 368 -3.76 -14.21 -1.84
O MSE A 368 -3.76 -13.15 -1.20
CB MSE A 368 -3.85 -16.18 -0.19
CG MSE A 368 -3.56 -15.36 1.07
SE MSE A 368 -5.11 -14.53 1.93
CE MSE A 368 -4.07 -12.97 2.55
N ASN A 369 -3.11 -14.34 -3.00
CA ASN A 369 -2.49 -13.19 -3.66
C ASN A 369 -3.45 -12.02 -3.86
N ASN A 370 -4.76 -12.29 -3.94
CA ASN A 370 -5.75 -11.26 -4.21
C ASN A 370 -6.10 -10.41 -2.95
N PHE A 371 -5.57 -10.80 -1.80
CA PHE A 371 -5.94 -10.19 -0.54
C PHE A 371 -4.88 -9.29 0.09
N TYR A 372 -3.85 -8.96 -0.70
CA TYR A 372 -2.80 -7.95 -0.33
C TYR A 372 -3.24 -6.57 -0.72
N THR A 373 -4.19 -6.07 0.04
CA THR A 373 -5.21 -5.17 -0.46
C THR A 373 -5.24 -3.86 0.35
N MSE A 374 -5.81 -2.78 -0.22
CA MSE A 374 -6.00 -1.54 0.50
C MSE A 374 -6.77 -1.76 1.81
O MSE A 374 -6.50 -1.07 2.80
CB MSE A 374 -6.79 -0.53 -0.35
CG MSE A 374 -5.99 0.06 -1.53
SE MSE A 374 -4.65 1.37 -0.89
CE MSE A 374 -5.70 2.43 0.35
N THR A 375 -7.73 -2.68 1.80
CA THR A 375 -8.52 -3.02 2.98
C THR A 375 -7.64 -3.65 4.09
N VAL A 376 -6.96 -4.72 3.75
CA VAL A 376 -6.12 -5.44 4.73
C VAL A 376 -5.00 -4.53 5.33
N TYR A 377 -4.41 -3.67 4.50
CA TYR A 377 -3.25 -2.88 4.86
C TYR A 377 -3.68 -1.57 5.48
N GLU A 378 -4.38 -0.75 4.69
CA GLU A 378 -4.68 0.62 5.08
C GLU A 378 -5.91 0.73 5.98
N LYS A 379 -7.00 0.04 5.63
CA LYS A 379 -8.12 -0.01 6.55
C LYS A 379 -7.66 -0.78 7.80
N GLY A 380 -6.84 -1.82 7.61
CA GLY A 380 -6.23 -2.55 8.75
C GLY A 380 -5.52 -1.61 9.72
N ALA A 381 -4.74 -0.68 9.18
CA ALA A 381 -4.04 0.33 10.00
C ALA A 381 -5.00 1.28 10.74
N GLU A 382 -6.05 1.72 10.06
CA GLU A 382 -7.09 2.53 10.69
C GLU A 382 -7.72 1.82 11.87
N VAL A 383 -7.86 0.50 11.77
CA VAL A 383 -8.42 -0.33 12.82
C VAL A 383 -7.44 -0.38 14.00
N VAL A 384 -6.17 -0.59 13.71
CA VAL A 384 -5.15 -0.54 14.80
C VAL A 384 -5.14 0.82 15.48
N ARG A 385 -5.19 1.90 14.69
CA ARG A 385 -5.19 3.26 15.20
C ARG A 385 -6.35 3.54 16.16
N MSE A 386 -7.49 2.89 15.93
CA MSE A 386 -8.65 3.06 16.82
C MSE A 386 -8.41 2.54 18.21
O MSE A 386 -8.91 3.14 19.18
CB MSE A 386 -9.94 2.48 16.19
CG MSE A 386 -10.61 3.44 15.23
SE MSE A 386 -12.33 2.77 14.61
CE MSE A 386 -11.69 1.34 13.45
N TYR A 387 -7.64 1.44 18.35
CA TYR A 387 -7.13 1.04 19.67
C TYR A 387 -6.38 2.19 20.34
N HIS A 388 -5.56 2.89 19.56
CA HIS A 388 -4.73 3.98 20.07
C HIS A 388 -5.61 5.16 20.44
N THR A 389 -6.65 5.38 19.66
CA THR A 389 -7.58 6.47 19.94
C THR A 389 -8.40 6.14 21.20
N LEU A 390 -8.88 4.91 21.32
CA LEU A 390 -9.63 4.49 22.50
C LEU A 390 -8.78 4.41 23.75
N LEU A 391 -7.54 3.95 23.59
CA LEU A 391 -6.72 3.63 24.77
C LEU A 391 -5.66 4.66 25.11
N GLY A 392 -5.32 5.54 24.17
CA GLY A 392 -4.18 6.43 24.35
C GLY A 392 -2.86 5.68 24.20
N GLU A 393 -1.77 6.43 24.08
CA GLU A 393 -0.44 5.85 23.85
C GLU A 393 0.00 4.85 24.93
N GLU A 394 -0.11 5.26 26.21
CA GLU A 394 0.37 4.43 27.31
C GLU A 394 -0.37 3.12 27.31
N GLY A 395 -1.70 3.19 27.21
CA GLY A 395 -2.56 2.00 27.09
C GLY A 395 -2.27 1.15 25.85
N PHE A 396 -2.11 1.79 24.70
CA PHE A 396 -1.68 1.05 23.49
C PHE A 396 -0.39 0.26 23.76
N GLN A 397 0.63 0.94 24.30
CA GLN A 397 1.91 0.29 24.66
C GLN A 397 1.78 -0.84 25.68
N LYS A 398 0.86 -0.70 26.64
CA LYS A 398 0.52 -1.82 27.54
C LYS A 398 0.03 -3.03 26.77
N GLY A 399 -0.91 -2.81 25.84
CA GLY A 399 -1.37 -3.87 24.92
C GLY A 399 -0.24 -4.53 24.13
N MSE A 400 0.64 -3.71 23.55
CA MSE A 400 1.81 -4.22 22.79
C MSE A 400 2.71 -5.12 23.66
O MSE A 400 3.12 -6.23 23.24
CB MSE A 400 2.64 -3.04 22.25
CG MSE A 400 1.96 -2.20 21.17
SE MSE A 400 1.52 -3.18 19.50
CE MSE A 400 3.28 -3.76 18.93
N LYS A 401 2.95 -4.67 24.89
CA LYS A 401 3.81 -5.43 25.80
C LYS A 401 3.19 -6.79 26.13
N LEU A 402 1.89 -6.83 26.39
CA LEU A 402 1.22 -8.10 26.69
C LEU A 402 1.14 -9.00 25.45
N TYR A 403 0.88 -8.39 24.30
CA TYR A 403 0.89 -9.09 23.00
C TYR A 403 2.18 -9.88 22.82
N PHE A 404 3.31 -9.22 23.00
CA PHE A 404 4.62 -9.88 22.96
C PHE A 404 4.87 -10.88 24.09
N GLN A 405 4.47 -10.55 25.33
CA GLN A 405 4.60 -11.50 26.46
C GLN A 405 3.89 -12.81 26.18
N ARG A 406 2.65 -12.69 25.69
CA ARG A 406 1.84 -13.86 25.36
C ARG A 406 2.31 -14.61 24.11
N HIS A 407 2.67 -13.86 23.06
CA HIS A 407 2.74 -14.48 21.73
C HIS A 407 4.10 -14.56 21.00
N ASP A 408 5.16 -14.01 21.61
CA ASP A 408 6.51 -14.16 21.05
C ASP A 408 6.74 -15.63 20.67
N GLY A 409 7.16 -15.86 19.42
CA GLY A 409 7.44 -17.23 19.00
C GLY A 409 6.20 -18.00 18.53
N GLN A 410 5.05 -17.33 18.48
CA GLN A 410 3.80 -17.99 18.04
C GLN A 410 3.20 -17.41 16.74
N ALA A 411 2.35 -18.22 16.11
CA ALA A 411 1.52 -17.83 14.95
C ALA A 411 0.07 -17.69 15.44
N VAL A 412 -0.41 -16.45 15.52
CA VAL A 412 -1.65 -16.12 16.23
C VAL A 412 -2.66 -15.41 15.31
N THR A 413 -3.75 -14.91 15.88
CA THR A 413 -4.87 -14.34 15.12
C THR A 413 -5.17 -12.89 15.51
N CYS A 414 -5.99 -12.21 14.71
CA CYS A 414 -6.52 -10.89 15.07
C CYS A 414 -7.24 -10.86 16.44
N ASP A 415 -7.98 -11.93 16.75
N ASP A 415 -7.99 -11.92 16.77
CA ASP A 415 -8.61 -12.11 18.07
CA ASP A 415 -8.62 -12.09 18.10
C ASP A 415 -7.60 -11.95 19.20
C ASP A 415 -7.58 -11.91 19.20
N ASP A 416 -6.43 -12.57 19.02
CA ASP A 416 -5.33 -12.50 20.00
C ASP A 416 -4.79 -11.10 20.25
N PHE A 417 -4.60 -10.34 19.17
CA PHE A 417 -4.20 -8.93 19.31
C PHE A 417 -5.29 -8.10 20.00
N ARG A 418 -6.54 -8.33 19.64
CA ARG A 418 -7.63 -7.63 20.30
C ARG A 418 -7.63 -7.92 21.81
N ALA A 419 -7.52 -9.20 22.15
CA ALA A 419 -7.56 -9.69 23.53
C ALA A 419 -6.41 -9.10 24.34
N ALA A 420 -5.25 -8.96 23.69
CA ALA A 420 -4.08 -8.39 24.37
C ALA A 420 -4.33 -6.90 24.68
N MSE A 421 -4.92 -6.17 23.73
CA MSE A 421 -5.31 -4.78 23.94
C MSE A 421 -6.38 -4.67 25.05
O MSE A 421 -6.30 -3.79 25.95
CB MSE A 421 -5.82 -4.17 22.62
CG MSE A 421 -4.74 -3.83 21.62
SE MSE A 421 -3.65 -2.33 22.22
CE MSE A 421 -2.01 -2.75 21.21
N ALA A 422 -7.37 -5.57 24.99
CA ALA A 422 -8.45 -5.63 26.01
C ALA A 422 -7.89 -5.94 27.38
N ASP A 423 -7.15 -7.03 27.50
CA ASP A 423 -6.68 -7.49 28.79
C ASP A 423 -5.72 -6.54 29.49
N ALA A 424 -4.76 -6.00 28.74
CA ALA A 424 -3.74 -5.11 29.30
C ALA A 424 -4.35 -3.83 29.85
N ASN A 425 -5.52 -3.47 29.34
CA ASN A 425 -6.15 -2.24 29.79
C ASN A 425 -7.40 -2.42 30.67
N GLY A 426 -7.75 -3.66 31.00
CA GLY A 426 -8.91 -3.94 31.86
C GLY A 426 -10.24 -3.48 31.28
N ILE A 427 -10.41 -3.67 29.99
CA ILE A 427 -11.52 -3.09 29.24
C ILE A 427 -12.16 -4.11 28.28
N ASN A 428 -13.46 -3.99 28.06
CA ASN A 428 -14.18 -4.89 27.16
C ASN A 428 -14.17 -4.37 25.72
N LEU A 429 -13.49 -5.10 24.84
CA LEU A 429 -13.48 -4.77 23.41
C LEU A 429 -14.11 -5.91 22.58
N ASP A 430 -15.06 -6.63 23.18
CA ASP A 430 -15.78 -7.68 22.43
C ASP A 430 -16.39 -7.14 21.11
N GLN A 431 -17.02 -5.96 21.19
CA GLN A 431 -17.70 -5.35 20.04
C GLN A 431 -16.68 -4.88 18.99
N PHE A 432 -15.44 -4.68 19.42
CA PHE A 432 -14.42 -4.21 18.51
C PHE A 432 -14.10 -5.28 17.46
N ALA A 433 -14.35 -6.54 17.77
CA ALA A 433 -14.13 -7.65 16.81
C ALA A 433 -14.85 -7.46 15.46
N LEU A 434 -15.96 -6.73 15.45
CA LEU A 434 -16.67 -6.41 14.20
C LEU A 434 -15.86 -5.57 13.20
N TRP A 435 -14.85 -4.85 13.66
CA TRP A 435 -13.92 -4.20 12.73
C TRP A 435 -13.15 -5.17 11.84
N TYR A 436 -13.04 -6.42 12.27
CA TYR A 436 -12.32 -7.40 11.49
C TYR A 436 -13.20 -8.26 10.61
N SER A 437 -14.47 -8.37 11.00
CA SER A 437 -15.36 -9.37 10.38
C SER A 437 -16.45 -8.74 9.53
N GLN A 438 -16.73 -7.45 9.73
CA GLN A 438 -17.69 -6.72 8.89
C GLN A 438 -17.05 -5.84 7.82
N ALA A 439 -17.25 -6.19 6.55
CA ALA A 439 -16.83 -5.35 5.41
C ALA A 439 -17.75 -4.13 5.22
N GLY A 440 -17.32 -3.21 4.35
CA GLY A 440 -18.08 -2.00 4.00
C GLY A 440 -17.76 -0.81 4.88
N THR A 441 -18.03 0.39 4.35
CA THR A 441 -17.76 1.63 5.06
C THR A 441 -19.03 2.03 5.82
N PRO A 442 -18.94 2.13 7.17
CA PRO A 442 -20.08 2.64 7.96
C PRO A 442 -20.47 4.07 7.60
N VAL A 443 -21.77 4.34 7.65
CA VAL A 443 -22.33 5.65 7.37
C VAL A 443 -22.93 6.19 8.67
N LEU A 444 -22.41 7.34 9.06
CA LEU A 444 -22.89 8.07 10.23
C LEU A 444 -23.82 9.20 9.83
N GLU A 445 -25.03 9.13 10.37
CA GLU A 445 -26.08 10.09 10.16
C GLU A 445 -26.15 11.02 11.39
N ALA A 446 -25.70 12.25 11.25
CA ALA A 446 -25.56 13.13 12.40
C ALA A 446 -26.40 14.40 12.31
N GLU A 447 -26.92 14.81 13.47
CA GLU A 447 -27.72 16.04 13.66
C GLU A 447 -27.41 16.56 15.06
N GLY A 448 -27.31 17.87 15.17
CA GLY A 448 -26.96 18.54 16.41
C GLY A 448 -27.93 19.66 16.74
N ARG A 449 -28.11 19.90 18.04
CA ARG A 449 -29.02 20.94 18.51
C ARG A 449 -28.48 21.57 19.80
N LEU A 450 -28.42 22.89 19.82
CA LEU A 450 -28.15 23.61 21.06
C LEU A 450 -29.48 23.99 21.73
N LYS A 451 -30.09 23.07 22.45
CA LYS A 451 -31.17 23.45 23.34
C LYS A 451 -30.71 23.68 24.76
N ASN A 452 -30.98 24.88 25.22
CA ASN A 452 -30.53 25.37 26.50
C ASN A 452 -29.09 25.70 26.50
N ASN A 453 -28.39 25.08 27.41
CA ASN A 453 -26.95 25.16 27.43
C ASN A 453 -26.34 23.83 27.06
N ILE A 454 -27.17 22.95 26.51
CA ILE A 454 -26.72 21.63 26.07
C ILE A 454 -26.65 21.54 24.54
N PHE A 455 -25.47 21.21 24.02
CA PHE A 455 -25.39 20.81 22.62
C PHE A 455 -25.64 19.31 22.54
N GLU A 456 -26.69 18.97 21.82
CA GLU A 456 -27.14 17.59 21.71
C GLU A 456 -26.82 17.05 20.31
N LEU A 457 -25.81 16.19 20.24
CA LEU A 457 -25.44 15.52 19.01
C LEU A 457 -26.04 14.11 18.97
N THR A 458 -26.98 13.92 18.05
CA THR A 458 -27.54 12.58 17.77
C THR A 458 -26.81 11.92 16.59
N VAL A 459 -26.51 10.64 16.74
CA VAL A 459 -25.70 9.93 15.75
C VAL A 459 -26.27 8.56 15.49
N LYS A 460 -26.63 8.33 14.24
CA LYS A 460 -27.06 7.02 13.79
C LYS A 460 -25.92 6.38 13.02
N GLN A 461 -25.87 5.05 13.00
CA GLN A 461 -24.93 4.31 12.15
C GLN A 461 -25.64 3.15 11.44
N THR A 462 -25.32 2.95 10.16
CA THR A 462 -25.53 1.64 9.51
C THR A 462 -24.31 1.32 8.71
N VAL A 463 -24.21 0.05 8.32
CA VAL A 463 -23.19 -0.41 7.41
C VAL A 463 -23.92 -1.18 6.32
N PRO A 464 -23.65 -0.83 5.05
CA PRO A 464 -24.30 -1.51 3.92
C PRO A 464 -23.99 -3.04 3.85
N PRO A 465 -24.95 -3.84 3.33
CA PRO A 465 -24.53 -5.20 2.94
C PRO A 465 -23.34 -5.11 1.97
N THR A 466 -22.54 -6.16 1.93
CA THR A 466 -21.46 -6.29 0.96
C THR A 466 -21.64 -7.68 0.41
N PRO A 467 -20.98 -8.00 -0.71
CA PRO A 467 -21.30 -9.30 -1.34
C PRO A 467 -21.09 -10.56 -0.47
N ASP A 468 -20.28 -10.46 0.56
CA ASP A 468 -19.99 -11.57 1.46
C ASP A 468 -21.00 -11.71 2.62
N MSE A 469 -21.68 -10.62 2.96
CA MSE A 469 -22.48 -10.54 4.20
C MSE A 469 -23.54 -9.44 4.18
O MSE A 469 -23.24 -8.26 3.89
CB MSE A 469 -21.55 -10.27 5.38
CG MSE A 469 -22.25 -10.30 6.77
SE MSE A 469 -20.94 -9.99 8.20
CE MSE A 469 -20.46 -11.85 8.31
N THR A 470 -24.79 -9.80 4.49
CA THR A 470 -25.85 -8.80 4.50
C THR A 470 -25.97 -8.18 5.90
N ASP A 471 -25.96 -9.01 6.92
CA ASP A 471 -26.17 -8.54 8.28
C ASP A 471 -24.97 -7.75 8.80
N LYS A 472 -25.18 -6.48 9.13
CA LYS A 472 -24.14 -5.67 9.75
C LYS A 472 -24.68 -5.07 11.07
N GLN A 473 -24.09 -5.48 12.19
CA GLN A 473 -24.51 -5.03 13.51
C GLN A 473 -23.83 -3.71 13.88
N PRO A 474 -24.40 -2.95 14.84
CA PRO A 474 -23.76 -1.70 15.26
C PRO A 474 -22.32 -1.94 15.73
N MSE A 475 -21.47 -0.98 15.44
CA MSE A 475 -20.05 -1.13 15.65
C MSE A 475 -19.56 -0.15 16.71
O MSE A 475 -20.30 0.74 17.11
CB MSE A 475 -19.30 -0.93 14.31
CG MSE A 475 -19.66 -1.99 13.28
SE MSE A 475 -18.81 -1.87 11.52
CE MSE A 475 -17.11 -2.56 12.03
N MSE A 476 -18.33 -0.35 17.18
CA MSE A 476 -17.70 0.53 18.15
C MSE A 476 -16.96 1.65 17.40
O MSE A 476 -15.87 1.41 16.79
CB MSE A 476 -16.74 -0.25 19.05
CG MSE A 476 -16.52 0.43 20.38
SE MSE A 476 -15.02 -0.28 21.40
CE MSE A 476 -15.73 -2.02 21.84
N ILE A 477 -17.54 2.84 17.39
CA ILE A 477 -17.06 3.93 16.55
C ILE A 477 -16.71 5.16 17.38
N PRO A 478 -15.40 5.45 17.57
CA PRO A 478 -15.05 6.69 18.26
C PRO A 478 -15.20 7.93 17.37
N VAL A 479 -15.99 8.90 17.82
CA VAL A 479 -16.14 10.18 17.12
C VAL A 479 -15.51 11.30 17.94
N LYS A 480 -14.35 11.79 17.48
CA LYS A 480 -13.68 12.89 18.15
C LYS A 480 -14.28 14.22 17.73
N VAL A 481 -14.63 15.06 18.71
CA VAL A 481 -15.40 16.28 18.45
C VAL A 481 -14.89 17.52 19.17
N GLY A 482 -15.17 18.68 18.56
CA GLY A 482 -14.98 19.98 19.16
C GLY A 482 -16.13 20.85 18.69
N LEU A 483 -16.09 22.12 19.10
CA LEU A 483 -17.15 23.09 18.84
C LEU A 483 -16.53 24.47 18.67
N LEU A 484 -16.97 25.18 17.64
CA LEU A 484 -16.53 26.54 17.36
C LEU A 484 -17.70 27.55 17.43
N ASN A 485 -17.41 28.72 18.03
CA ASN A 485 -18.33 29.86 17.98
C ASN A 485 -18.25 30.61 16.66
N ARG A 486 -19.11 31.61 16.44
CA ARG A 486 -19.23 32.29 15.13
C ARG A 486 -17.97 33.04 14.65
N ASN A 487 -17.01 33.25 15.56
CA ASN A 487 -15.70 33.80 15.19
C ASN A 487 -14.66 32.70 15.00
N GLY A 488 -15.12 31.46 15.08
CA GLY A 488 -14.29 30.29 14.89
C GLY A 488 -13.37 29.84 16.02
N GLU A 489 -13.50 30.41 17.23
CA GLU A 489 -12.63 29.94 18.33
C GLU A 489 -13.25 28.78 19.10
N ALA A 490 -12.38 28.05 19.79
CA ALA A 490 -12.75 26.86 20.54
C ALA A 490 -13.71 27.19 21.68
N VAL A 491 -14.75 26.36 21.81
CA VAL A 491 -15.75 26.50 22.86
C VAL A 491 -15.73 25.26 23.74
N ALA A 492 -15.50 25.45 25.03
CA ALA A 492 -15.45 24.34 25.99
C ALA A 492 -16.85 23.85 26.31
N PHE A 493 -16.93 22.61 26.80
CA PHE A 493 -18.19 21.95 27.09
C PHE A 493 -17.95 20.87 28.14
N ASP A 494 -19.02 20.44 28.76
CA ASP A 494 -18.96 19.40 29.72
C ASP A 494 -19.43 18.08 29.17
N TYR A 495 -18.69 17.04 29.51
CA TYR A 495 -18.88 15.67 29.06
C TYR A 495 -17.73 14.92 29.63
N GLN A 496 -17.94 13.68 29.99
CA GLN A 496 -18.94 13.32 30.92
C GLN A 496 -18.32 13.59 32.30
N GLY A 497 -18.72 14.69 32.92
CA GLY A 497 -18.06 15.16 34.13
C GLY A 497 -16.79 15.98 33.93
N LYS A 498 -16.24 15.95 32.71
CA LYS A 498 -15.04 16.74 32.38
C LYS A 498 -15.33 17.97 31.53
N ARG A 499 -14.57 19.04 31.79
CA ARG A 499 -14.70 20.28 31.07
C ARG A 499 -13.51 20.41 30.14
N ALA A 500 -13.75 20.22 28.84
CA ALA A 500 -12.68 20.30 27.85
C ALA A 500 -13.17 20.86 26.52
N THR A 501 -12.22 21.06 25.62
CA THR A 501 -12.50 21.64 24.31
C THR A 501 -12.62 20.57 23.21
N GLU A 502 -12.40 19.31 23.61
CA GLU A 502 -12.38 18.16 22.70
C GLU A 502 -12.72 16.91 23.51
N ALA A 503 -13.47 16.00 22.89
CA ALA A 503 -13.77 14.72 23.52
C ALA A 503 -13.94 13.64 22.45
N VAL A 504 -13.67 12.40 22.84
CA VAL A 504 -14.02 11.24 22.02
C VAL A 504 -15.38 10.66 22.45
N LEU A 505 -16.36 10.75 21.55
CA LEU A 505 -17.70 10.21 21.75
C LEU A 505 -17.77 8.78 21.22
N LEU A 506 -17.92 7.82 22.12
CA LEU A 506 -17.92 6.42 21.77
C LEU A 506 -19.32 5.92 21.35
N LEU A 507 -19.54 5.83 20.04
CA LEU A 507 -20.79 5.32 19.49
C LEU A 507 -20.75 3.80 19.42
N THR A 508 -21.64 3.15 20.15
CA THR A 508 -21.69 1.69 20.18
C THR A 508 -23.07 1.16 19.78
N GLU A 509 -24.04 2.06 19.67
N GLU A 509 -24.04 2.05 19.67
CA GLU A 509 -25.42 1.65 19.41
CA GLU A 509 -25.42 1.64 19.39
C GLU A 509 -25.90 2.11 18.03
C GLU A 509 -25.89 2.10 18.02
N ALA A 510 -27.01 1.55 17.55
CA ALA A 510 -27.60 1.94 16.27
C ALA A 510 -27.84 3.46 16.22
N GLU A 511 -28.22 4.02 17.35
CA GLU A 511 -28.47 5.45 17.48
C GLU A 511 -28.19 5.90 18.91
N GLN A 512 -27.50 7.02 19.07
CA GLN A 512 -27.19 7.58 20.38
C GLN A 512 -27.26 9.09 20.28
N THR A 513 -27.60 9.70 21.42
CA THR A 513 -27.48 11.13 21.61
C THR A 513 -26.40 11.43 22.66
N PHE A 514 -25.55 12.38 22.31
CA PHE A 514 -24.48 12.83 23.17
C PHE A 514 -24.77 14.24 23.64
N LEU A 515 -24.64 14.45 24.95
CA LEU A 515 -24.99 15.74 25.54
C LEU A 515 -23.70 16.46 25.94
N LEU A 516 -23.41 17.53 25.20
CA LEU A 516 -22.24 18.37 25.47
C LEU A 516 -22.77 19.59 26.19
N GLU A 517 -22.55 19.61 27.50
CA GLU A 517 -23.30 20.46 28.41
C GLU A 517 -22.50 21.71 28.77
N GLY A 518 -23.18 22.72 29.29
CA GLY A 518 -22.51 23.96 29.71
C GLY A 518 -21.93 24.75 28.54
N VAL A 519 -22.68 24.80 27.44
CA VAL A 519 -22.29 25.54 26.23
C VAL A 519 -22.98 26.90 26.28
N THR A 520 -22.19 27.95 26.47
CA THR A 520 -22.73 29.31 26.70
C THR A 520 -22.69 30.21 25.46
N GLU A 521 -22.40 29.62 24.30
CA GLU A 521 -22.48 30.35 23.04
C GLU A 521 -22.93 29.48 21.88
N ALA A 522 -23.47 30.13 20.83
CA ALA A 522 -23.85 29.46 19.60
C ALA A 522 -22.64 28.74 18.96
N VAL A 523 -22.84 27.48 18.56
CA VAL A 523 -21.74 26.61 18.08
C VAL A 523 -22.02 25.96 16.73
N VAL A 524 -20.93 25.77 15.96
CA VAL A 524 -20.83 24.84 14.83
C VAL A 524 -19.93 23.72 15.30
N PRO A 525 -20.39 22.46 15.21
CA PRO A 525 -19.50 21.42 15.72
C PRO A 525 -18.43 20.97 14.71
N SER A 526 -17.28 20.56 15.24
CA SER A 526 -16.20 19.93 14.47
C SER A 526 -16.22 18.43 14.79
N LEU A 527 -16.32 17.61 13.74
CA LEU A 527 -16.67 16.18 13.93
C LEU A 527 -15.70 15.21 13.24
N LEU A 528 -15.45 14.09 13.91
CA LEU A 528 -14.54 13.04 13.40
C LEU A 528 -13.10 13.55 13.32
N ARG A 529 -12.71 14.33 14.32
CA ARG A 529 -11.41 15.01 14.29
C ARG A 529 -10.30 13.99 14.12
N GLY A 530 -9.29 14.32 13.29
CA GLY A 530 -8.17 13.42 13.08
C GLY A 530 -8.57 12.15 12.33
N PHE A 531 -9.80 12.15 11.80
CA PHE A 531 -10.44 10.98 11.11
C PHE A 531 -10.49 9.83 12.07
N SER A 532 -11.25 10.03 13.15
CA SER A 532 -11.15 9.18 14.34
C SER A 532 -11.64 7.76 14.11
N ALA A 533 -12.46 7.57 13.08
CA ALA A 533 -12.92 6.26 12.64
C ALA A 533 -13.06 6.30 11.13
N PRO A 534 -12.81 5.15 10.44
CA PRO A 534 -12.89 5.21 8.98
C PRO A 534 -14.33 5.07 8.42
N VAL A 535 -15.04 6.19 8.35
CA VAL A 535 -16.48 6.17 8.10
C VAL A 535 -16.83 7.31 7.15
N HIS A 536 -18.04 7.26 6.59
CA HIS A 536 -18.69 8.44 6.01
C HIS A 536 -19.46 9.14 7.13
N LEU A 537 -19.31 10.45 7.24
CA LEU A 537 -20.16 11.21 8.13
C LEU A 537 -20.91 12.31 7.38
N ASN A 538 -22.24 12.30 7.56
CA ASN A 538 -23.15 13.32 7.06
C ASN A 538 -23.70 14.16 8.21
N TYR A 539 -23.22 15.40 8.25
CA TYR A 539 -23.75 16.41 9.14
C TYR A 539 -24.23 17.51 8.23
N PRO A 540 -25.38 18.15 8.56
CA PRO A 540 -25.94 19.21 7.73
C PRO A 540 -25.16 20.51 7.91
N TYR A 541 -24.15 20.71 7.08
CA TYR A 541 -23.39 21.94 7.18
C TYR A 541 -23.80 22.88 6.07
N SER A 542 -23.86 24.17 6.38
CA SER A 542 -24.04 25.20 5.37
C SER A 542 -22.67 25.50 4.76
N ASP A 543 -22.68 26.15 3.59
CA ASP A 543 -21.46 26.66 2.98
C ASP A 543 -20.67 27.56 3.94
N ASP A 544 -21.35 28.44 4.67
CA ASP A 544 -20.67 29.29 5.65
C ASP A 544 -20.06 28.50 6.82
N ASP A 545 -20.71 27.38 7.17
CA ASP A 545 -20.23 26.47 8.22
C ASP A 545 -18.89 25.89 7.79
N LEU A 546 -18.84 25.42 6.54
CA LEU A 546 -17.64 24.84 5.96
C LEU A 546 -16.54 25.88 5.85
N LEU A 547 -16.87 27.08 5.36
CA LEU A 547 -15.90 28.19 5.29
C LEU A 547 -15.30 28.50 6.65
N LEU A 548 -16.14 28.45 7.69
CA LEU A 548 -15.70 28.71 9.07
C LEU A 548 -14.76 27.63 9.58
N LEU A 549 -15.19 26.38 9.42
CA LEU A 549 -14.35 25.21 9.72
C LEU A 549 -13.00 25.32 9.00
N LEU A 550 -13.05 25.48 7.67
CA LEU A 550 -11.85 25.67 6.85
C LEU A 550 -10.94 26.82 7.35
N ALA A 551 -11.52 27.96 7.69
CA ALA A 551 -10.71 29.11 8.14
C ALA A 551 -10.16 28.96 9.56
N HIS A 552 -10.94 28.37 10.45
CA HIS A 552 -10.68 28.55 11.88
C HIS A 552 -10.48 27.30 12.71
N ASP A 553 -10.77 26.11 12.16
CA ASP A 553 -10.72 24.92 12.98
C ASP A 553 -9.27 24.52 13.34
N SER A 554 -9.12 23.99 14.54
CA SER A 554 -7.79 23.66 15.02
C SER A 554 -7.27 22.29 14.52
N ASP A 555 -8.18 21.45 14.00
CA ASP A 555 -7.83 20.08 13.54
C ASP A 555 -7.49 20.08 12.06
N ALA A 556 -6.41 19.39 11.67
CA ALA A 556 -6.03 19.30 10.26
C ALA A 556 -7.08 18.59 9.41
N PHE A 557 -7.53 17.43 9.85
CA PHE A 557 -8.50 16.68 9.08
C PHE A 557 -9.80 17.46 8.87
N THR A 558 -10.36 18.01 9.94
CA THR A 558 -11.65 18.70 9.80
C THR A 558 -11.53 19.96 8.92
N ARG A 559 -10.42 20.67 8.99
CA ARG A 559 -10.21 21.80 8.08
C ARG A 559 -10.15 21.31 6.64
N TRP A 560 -9.30 20.30 6.38
CA TRP A 560 -9.17 19.67 5.04
C TRP A 560 -10.51 19.10 4.52
N GLU A 561 -11.29 18.49 5.41
CA GLU A 561 -12.59 17.92 5.02
C GLU A 561 -13.60 19.01 4.59
N ALA A 562 -13.56 20.16 5.25
CA ALA A 562 -14.42 21.27 4.89
C ALA A 562 -14.10 21.77 3.47
N ALA A 563 -12.81 21.90 3.14
CA ALA A 563 -12.41 22.21 1.76
C ALA A 563 -12.84 21.11 0.77
N GLN A 564 -12.60 19.85 1.15
CA GLN A 564 -13.01 18.71 0.31
C GLN A 564 -14.51 18.76 -0.02
N THR A 565 -15.32 19.04 1.00
CA THR A 565 -16.79 19.17 0.87
C THR A 565 -17.19 20.34 -0.07
N LEU A 566 -16.57 21.51 0.13
CA LEU A 566 -16.75 22.63 -0.81
C LEU A 566 -16.44 22.26 -2.27
N TYR A 567 -15.36 21.51 -2.49
CA TYR A 567 -14.99 21.12 -3.87
C TYR A 567 -16.03 20.17 -4.45
N ARG A 568 -16.46 19.23 -3.61
CA ARG A 568 -17.45 18.22 -4.03
C ARG A 568 -18.81 18.87 -4.41
N ARG A 569 -19.23 19.86 -3.62
CA ARG A 569 -20.47 20.59 -3.91
C ARG A 569 -20.30 21.42 -5.17
N ALA A 570 -19.12 22.03 -5.35
CA ALA A 570 -18.83 22.76 -6.59
C ALA A 570 -18.96 21.88 -7.82
N VAL A 571 -18.39 20.67 -7.74
CA VAL A 571 -18.44 19.69 -8.83
C VAL A 571 -19.89 19.21 -9.05
N ALA A 572 -20.63 18.97 -7.98
CA ALA A 572 -22.06 18.67 -8.09
C ALA A 572 -22.78 19.79 -8.85
N ALA A 573 -22.51 21.04 -8.48
CA ALA A 573 -23.10 22.20 -9.16
C ALA A 573 -22.70 22.31 -10.65
N ASN A 574 -21.44 22.00 -10.98
CA ASN A 574 -21.04 21.88 -12.41
C ASN A 574 -21.78 20.78 -13.17
N LEU A 575 -21.94 19.61 -12.54
CA LEU A 575 -22.57 18.47 -13.20
C LEU A 575 -23.97 18.87 -13.65
N ALA A 576 -24.65 19.63 -12.80
CA ALA A 576 -26.00 20.14 -13.05
C ALA A 576 -26.08 21.08 -14.26
N THR A 577 -25.23 22.11 -14.29
CA THR A 577 -25.25 23.11 -15.33
C THR A 577 -24.81 22.54 -16.67
N LEU A 578 -23.80 21.67 -16.65
CA LEU A 578 -23.37 20.97 -17.85
C LEU A 578 -24.46 20.04 -18.39
N SER A 579 -25.18 19.38 -17.50
CA SER A 579 -26.33 18.60 -17.93
C SER A 579 -27.43 19.50 -18.55
N ASP A 580 -27.68 20.66 -17.94
CA ASP A 580 -28.71 21.58 -18.43
C ASP A 580 -28.36 22.32 -19.69
N GLY A 581 -27.08 22.24 -20.09
CA GLY A 581 -26.55 23.05 -21.19
C GLY A 581 -26.55 24.55 -20.92
N VAL A 582 -26.28 24.95 -19.67
CA VAL A 582 -26.21 26.38 -19.30
C VAL A 582 -24.80 26.79 -18.84
N GLU A 583 -24.58 28.08 -18.63
CA GLU A 583 -23.30 28.64 -18.12
C GLU A 583 -22.85 27.89 -16.85
N LEU A 584 -21.54 27.79 -16.58
CA LEU A 584 -21.06 27.23 -15.30
C LEU A 584 -21.47 28.06 -14.07
N PRO A 585 -21.62 27.42 -12.88
CA PRO A 585 -21.97 28.20 -11.69
C PRO A 585 -20.88 29.22 -11.39
N LYS A 586 -21.19 30.23 -10.58
CA LYS A 586 -20.21 31.28 -10.28
C LYS A 586 -19.18 30.84 -9.22
N HIS A 587 -19.60 29.94 -8.32
CA HIS A 587 -18.79 29.48 -7.17
C HIS A 587 -18.20 30.60 -6.31
N GLU A 588 -18.96 31.68 -6.11
CA GLU A 588 -18.46 32.83 -5.32
C GLU A 588 -17.86 32.49 -3.95
N LYS A 589 -18.57 31.69 -3.16
CA LYS A 589 -18.09 31.33 -1.81
C LYS A 589 -16.84 30.45 -1.83
N LEU A 590 -16.82 29.49 -2.74
CA LEU A 590 -15.64 28.64 -2.90
C LEU A 590 -14.42 29.48 -3.27
N LEU A 591 -14.59 30.36 -4.26
CA LEU A 591 -13.48 31.22 -4.71
C LEU A 591 -12.99 32.14 -3.61
N ALA A 592 -13.90 32.60 -2.76
CA ALA A 592 -13.53 33.40 -1.58
C ALA A 592 -12.65 32.57 -0.65
N ALA A 593 -13.07 31.33 -0.40
CA ALA A 593 -12.37 30.44 0.50
C ALA A 593 -10.96 30.10 -0.03
N VAL A 594 -10.88 29.82 -1.33
CA VAL A 594 -9.62 29.44 -1.95
C VAL A 594 -8.67 30.65 -1.97
N GLU A 595 -9.22 31.85 -2.21
CA GLU A 595 -8.42 33.07 -2.13
C GLU A 595 -7.79 33.20 -0.73
N LYS A 596 -8.60 33.01 0.30
CA LYS A 596 -8.11 33.04 1.68
C LYS A 596 -6.96 32.04 1.91
N VAL A 597 -7.05 30.85 1.31
CA VAL A 597 -6.00 29.84 1.47
C VAL A 597 -4.71 30.22 0.75
N ILE A 598 -4.82 30.61 -0.53
CA ILE A 598 -3.69 31.07 -1.33
C ILE A 598 -2.93 32.18 -0.60
N SER A 599 -3.68 33.12 -0.06
CA SER A 599 -3.12 34.30 0.58
C SER A 599 -2.72 34.11 2.04
N ASP A 600 -3.02 32.96 2.62
CA ASP A 600 -2.68 32.76 4.04
C ASP A 600 -1.25 32.25 4.17
N ASP A 601 -0.43 33.02 4.88
CA ASP A 601 0.99 32.68 5.04
C ASP A 601 1.30 31.97 6.35
N LEU A 602 0.30 31.88 7.22
CA LEU A 602 0.43 31.13 8.46
C LEU A 602 0.27 29.62 8.20
N LEU A 603 -0.28 29.29 7.04
CA LEU A 603 -0.46 27.89 6.63
C LEU A 603 0.83 27.20 6.24
N ASP A 604 1.09 26.09 6.93
CA ASP A 604 2.06 25.12 6.48
C ASP A 604 1.97 24.90 4.95
N ASN A 605 3.11 24.93 4.28
CA ASN A 605 3.15 24.87 2.81
C ASN A 605 2.51 23.60 2.24
N ALA A 606 2.85 22.46 2.85
CA ALA A 606 2.34 21.16 2.41
C ALA A 606 0.86 20.99 2.76
N PHE A 607 0.43 21.58 3.89
CA PHE A 607 -0.98 21.59 4.26
C PHE A 607 -1.77 22.48 3.31
N LYS A 608 -1.23 23.66 3.01
CA LYS A 608 -1.79 24.53 1.96
C LYS A 608 -2.05 23.77 0.64
N ALA A 609 -1.03 23.02 0.20
CA ALA A 609 -1.09 22.25 -1.04
C ALA A 609 -2.23 21.24 -1.02
N LEU A 610 -2.42 20.57 0.11
CA LEU A 610 -3.55 19.62 0.28
C LEU A 610 -4.91 20.31 0.21
N LEU A 611 -5.04 21.46 0.87
CA LEU A 611 -6.27 22.24 0.82
C LEU A 611 -6.65 22.66 -0.59
N LEU A 612 -5.66 22.76 -1.46
CA LEU A 612 -5.85 23.15 -2.87
C LEU A 612 -6.03 21.95 -3.79
N GLY A 613 -6.13 20.75 -3.21
CA GLY A 613 -6.33 19.54 -4.02
C GLY A 613 -7.81 19.16 -4.12
N VAL A 614 -8.27 18.85 -5.32
CA VAL A 614 -9.68 18.55 -5.57
C VAL A 614 -9.88 17.04 -5.58
N PRO A 615 -10.91 16.54 -4.86
CA PRO A 615 -11.20 15.11 -4.80
C PRO A 615 -11.20 14.49 -6.19
N SER A 616 -10.74 13.24 -6.30
CA SER A 616 -10.68 12.55 -7.60
C SER A 616 -12.07 12.18 -8.14
N GLU A 617 -12.12 11.80 -9.42
CA GLU A 617 -13.36 11.31 -10.01
C GLU A 617 -14.05 10.20 -9.19
N ALA A 618 -13.29 9.17 -8.78
CA ALA A 618 -13.83 8.07 -7.95
C ALA A 618 -14.44 8.54 -6.63
N GLU A 619 -13.81 9.50 -5.98
CA GLU A 619 -14.41 10.10 -4.80
C GLU A 619 -15.71 10.79 -5.18
N LEU A 620 -15.73 11.42 -6.35
CA LEU A 620 -16.84 12.24 -6.76
C LEU A 620 -18.05 11.37 -7.13
N TRP A 621 -17.82 10.21 -7.74
CA TRP A 621 -18.93 9.31 -8.08
C TRP A 621 -19.26 8.28 -7.01
N ASP A 622 -18.58 8.37 -5.88
CA ASP A 622 -18.92 7.50 -4.76
C ASP A 622 -20.43 7.56 -4.46
N GLY A 623 -21.08 6.39 -4.53
CA GLY A 623 -22.48 6.27 -4.14
C GLY A 623 -23.47 6.51 -5.27
N ALA A 624 -22.95 6.76 -6.48
CA ALA A 624 -23.79 7.00 -7.66
C ALA A 624 -24.03 5.71 -8.42
N GLU A 625 -25.08 5.74 -9.23
CA GLU A 625 -25.47 4.64 -10.10
C GLU A 625 -25.46 5.21 -11.51
N ASN A 626 -25.27 4.32 -12.47
CA ASN A 626 -25.38 4.68 -13.87
C ASN A 626 -24.42 5.79 -14.18
N ILE A 627 -23.18 5.56 -13.78
CA ILE A 627 -22.12 6.53 -13.86
C ILE A 627 -21.62 6.67 -15.32
N ASP A 628 -21.60 7.91 -15.81
CA ASP A 628 -20.84 8.25 -17.00
C ASP A 628 -19.53 8.89 -16.51
N PRO A 629 -18.40 8.14 -16.52
CA PRO A 629 -17.15 8.66 -15.92
C PRO A 629 -16.65 9.95 -16.61
N LEU A 630 -16.95 10.07 -17.90
CA LEU A 630 -16.63 11.28 -18.63
C LEU A 630 -17.39 12.52 -18.21
N ARG A 631 -18.66 12.39 -17.79
CA ARG A 631 -19.37 13.53 -17.20
C ARG A 631 -18.71 14.01 -15.88
N TYR A 632 -18.31 13.08 -15.01
CA TYR A 632 -17.58 13.47 -13.79
C TYR A 632 -16.22 14.13 -14.09
N HIS A 633 -15.48 13.50 -15.02
CA HIS A 633 -14.25 14.06 -15.52
C HIS A 633 -14.42 15.49 -16.04
N GLN A 634 -15.43 15.72 -16.87
CA GLN A 634 -15.68 17.06 -17.46
C GLN A 634 -15.97 18.11 -16.38
N ALA A 635 -16.76 17.70 -15.38
CA ALA A 635 -17.15 18.57 -14.30
C ALA A 635 -15.94 18.91 -13.42
N ARG A 636 -15.11 17.92 -13.12
CA ARG A 636 -13.92 18.13 -12.29
C ARG A 636 -12.95 19.03 -13.07
N GLU A 637 -12.71 18.70 -14.34
CA GLU A 637 -11.86 19.50 -15.21
C GLU A 637 -12.28 20.98 -15.23
N ALA A 638 -13.59 21.22 -15.37
CA ALA A 638 -14.18 22.58 -15.38
C ALA A 638 -13.84 23.34 -14.11
N LEU A 639 -14.04 22.69 -12.96
CA LEU A 639 -13.69 23.30 -11.69
C LEU A 639 -12.20 23.66 -11.68
N LEU A 640 -11.35 22.74 -12.11
CA LEU A 640 -9.91 22.93 -12.03
C LEU A 640 -9.49 24.08 -12.93
N ASP A 641 -10.02 24.12 -14.16
CA ASP A 641 -9.79 25.24 -15.09
C ASP A 641 -10.29 26.61 -14.57
N THR A 642 -11.43 26.62 -13.89
CA THR A 642 -11.95 27.84 -13.28
C THR A 642 -11.02 28.34 -12.18
N LEU A 643 -10.58 27.45 -11.31
CA LEU A 643 -9.57 27.78 -10.30
C LEU A 643 -8.24 28.24 -10.93
N ALA A 644 -7.84 27.59 -12.03
CA ALA A 644 -6.59 27.91 -12.72
C ALA A 644 -6.63 29.33 -13.27
N VAL A 645 -7.67 29.65 -14.03
CA VAL A 645 -7.79 30.93 -14.74
C VAL A 645 -8.12 32.05 -13.74
N HIS A 646 -9.07 31.80 -12.84
CA HIS A 646 -9.47 32.83 -11.88
C HIS A 646 -8.26 33.38 -11.12
N PHE A 647 -7.38 32.50 -10.68
CA PHE A 647 -6.25 32.93 -9.87
C PHE A 647 -4.91 32.85 -10.58
N LEU A 648 -4.90 32.88 -11.93
CA LEU A 648 -3.65 32.74 -12.72
C LEU A 648 -2.43 33.55 -12.20
N PRO A 649 -2.52 34.91 -12.18
CA PRO A 649 -1.33 35.61 -11.65
C PRO A 649 -0.97 35.29 -10.18
N LYS A 650 -1.96 34.91 -9.36
CA LYS A 650 -1.69 34.47 -7.96
C LYS A 650 -1.04 33.09 -7.81
N TRP A 651 -1.24 32.20 -8.79
CA TRP A 651 -0.50 30.94 -8.84
C TRP A 651 1.00 31.20 -9.13
N HIS A 652 1.25 32.17 -10.01
CA HIS A 652 2.62 32.56 -10.37
C HIS A 652 3.37 33.11 -9.15
N GLU A 653 2.66 33.93 -8.39
CA GLU A 653 3.11 34.61 -7.20
C GLU A 653 3.42 33.64 -6.05
N LEU A 654 2.50 32.70 -5.80
CA LEU A 654 2.74 31.65 -4.84
C LEU A 654 3.97 30.81 -5.26
N ASN A 655 4.05 30.52 -6.55
CA ASN A 655 5.15 29.77 -7.13
C ASN A 655 6.48 30.48 -6.79
N ARG A 656 6.54 31.79 -7.05
CA ARG A 656 7.72 32.60 -6.80
C ARG A 656 8.08 32.66 -5.31
N GLN A 657 7.05 32.83 -4.48
CA GLN A 657 7.22 32.82 -3.03
C GLN A 657 7.78 31.48 -2.55
N ALA A 658 7.21 30.38 -3.05
CA ALA A 658 7.75 29.05 -2.75
C ALA A 658 9.19 28.87 -3.23
N ALA A 659 9.51 29.29 -4.46
CA ALA A 659 10.88 29.21 -4.99
C ALA A 659 11.91 29.91 -4.09
N LYS A 660 11.53 31.08 -3.57
CA LYS A 660 12.41 31.88 -2.71
C LYS A 660 12.68 31.15 -1.42
N GLN A 661 11.62 30.62 -0.83
CA GLN A 661 11.67 29.96 0.45
C GLN A 661 12.39 28.63 0.41
N GLU A 662 12.31 27.93 -0.73
CA GLU A 662 13.07 26.69 -0.96
C GLU A 662 14.55 27.00 -0.92
N ASN A 663 14.91 28.19 -1.41
CA ASN A 663 16.26 28.75 -1.23
C ASN A 663 17.39 27.85 -1.77
N GLN A 664 17.18 27.30 -2.95
CA GLN A 664 18.22 26.53 -3.64
C GLN A 664 18.66 25.27 -2.85
N SER A 665 17.79 24.80 -1.99
CA SER A 665 18.07 23.64 -1.16
C SER A 665 17.43 22.41 -1.81
N TYR A 666 18.16 21.82 -2.76
CA TYR A 666 17.60 20.87 -3.71
C TYR A 666 17.59 19.44 -3.18
N GLU A 667 18.44 19.19 -2.20
CA GLU A 667 18.44 17.89 -1.51
C GLU A 667 17.13 17.60 -0.77
N TYR A 668 16.87 16.32 -0.48
CA TYR A 668 15.65 16.01 0.25
C TYR A 668 15.71 16.54 1.68
N SER A 669 14.66 17.22 2.09
CA SER A 669 14.37 17.45 3.52
C SER A 669 12.89 17.72 3.59
N PRO A 670 12.25 17.37 4.71
CA PRO A 670 10.82 17.61 4.80
C PRO A 670 10.44 19.09 4.63
N GLU A 671 11.35 19.99 5.06
CA GLU A 671 11.11 21.44 4.98
C GLU A 671 11.14 21.97 3.53
N ALA A 672 12.21 21.62 2.81
CA ALA A 672 12.33 21.98 1.39
C ALA A 672 11.25 21.28 0.58
N ALA A 673 10.87 20.06 0.98
CA ALA A 673 9.86 19.30 0.27
C ALA A 673 8.49 19.97 0.35
N GLY A 674 8.20 20.59 1.49
CA GLY A 674 6.92 21.29 1.67
C GLY A 674 6.73 22.41 0.66
N TRP A 675 7.77 23.20 0.46
CA TRP A 675 7.77 24.29 -0.55
C TRP A 675 7.66 23.75 -1.99
N ARG A 676 8.34 22.64 -2.28
CA ARG A 676 8.28 22.06 -3.64
C ARG A 676 6.90 21.51 -3.94
N THR A 677 6.25 20.94 -2.91
CA THR A 677 4.91 20.40 -3.08
C THR A 677 3.99 21.55 -3.52
N LEU A 678 4.11 22.69 -2.84
CA LEU A 678 3.30 23.85 -3.12
C LEU A 678 3.64 24.41 -4.50
N ARG A 679 4.91 24.43 -4.82
CA ARG A 679 5.35 24.90 -6.10
C ARG A 679 4.73 24.07 -7.23
N ASN A 680 4.65 22.77 -7.03
CA ASN A 680 4.13 21.90 -8.07
C ASN A 680 2.62 22.01 -8.28
N VAL A 681 1.89 22.39 -7.23
CA VAL A 681 0.45 22.68 -7.34
C VAL A 681 0.23 23.94 -8.17
N CYS A 682 1.03 24.98 -7.89
CA CYS A 682 0.98 26.23 -8.66
C CYS A 682 1.32 25.99 -10.13
N ARG A 683 2.37 25.20 -10.38
CA ARG A 683 2.74 24.82 -11.76
C ARG A 683 1.59 24.16 -12.50
N ALA A 684 0.91 23.22 -11.85
CA ALA A 684 -0.25 22.57 -12.47
C ALA A 684 -1.35 23.58 -12.87
N PHE A 685 -1.73 24.46 -11.95
CA PHE A 685 -2.70 25.54 -12.25
C PHE A 685 -2.25 26.49 -13.35
N VAL A 686 -1.01 26.98 -13.27
CA VAL A 686 -0.46 27.87 -14.30
C VAL A 686 -0.62 27.27 -15.71
N LEU A 687 -0.24 26.01 -15.87
CA LEU A 687 -0.30 25.39 -17.18
C LEU A 687 -1.69 25.00 -17.66
N ARG A 688 -2.65 24.89 -16.72
CA ARG A 688 -4.06 24.76 -17.09
C ARG A 688 -4.57 26.07 -17.72
N ALA A 689 -4.28 27.19 -17.03
CA ALA A 689 -4.75 28.53 -17.41
C ALA A 689 -4.06 29.07 -18.66
N ASP A 690 -2.74 28.90 -18.74
CA ASP A 690 -1.93 29.42 -19.84
C ASP A 690 -1.09 28.26 -20.40
N PRO A 691 -1.71 27.43 -21.24
CA PRO A 691 -1.00 26.32 -21.90
C PRO A 691 0.24 26.78 -22.65
N ALA A 692 0.18 27.97 -23.28
CA ALA A 692 1.32 28.57 -23.98
C ALA A 692 2.56 28.82 -23.13
N HIS A 693 2.40 28.88 -21.82
CA HIS A 693 3.57 28.96 -20.90
C HIS A 693 4.53 27.77 -21.04
N ILE A 694 4.04 26.66 -21.59
CA ILE A 694 4.94 25.55 -21.94
C ILE A 694 6.25 25.91 -22.71
N GLU A 695 6.18 26.82 -23.70
CA GLU A 695 7.41 27.19 -24.43
C GLU A 695 8.38 28.00 -23.58
N THR A 696 7.86 28.74 -22.61
CA THR A 696 8.73 29.50 -21.70
C THR A 696 9.43 28.50 -20.74
N VAL A 697 8.64 27.55 -20.23
CA VAL A 697 9.14 26.42 -19.42
C VAL A 697 10.24 25.68 -20.19
N ALA A 698 9.95 25.30 -21.42
CA ALA A 698 10.91 24.61 -22.27
C ALA A 698 12.23 25.38 -22.41
N GLU A 699 12.14 26.70 -22.60
N GLU A 699 12.13 26.69 -22.62
CA GLU A 699 13.31 27.58 -22.76
CA GLU A 699 13.29 27.58 -22.75
C GLU A 699 14.18 27.67 -21.50
C GLU A 699 14.18 27.56 -21.50
N LYS A 700 13.54 27.61 -20.33
CA LYS A 700 14.29 27.63 -19.06
C LYS A 700 14.36 26.27 -18.34
N TYR A 701 14.18 25.17 -19.08
CA TYR A 701 14.01 23.88 -18.45
C TYR A 701 15.26 23.48 -17.67
N GLY A 702 16.41 23.40 -18.32
CA GLY A 702 17.69 23.16 -17.66
C GLY A 702 17.84 23.92 -16.36
N GLU A 703 17.58 25.21 -16.41
CA GLU A 703 17.59 26.09 -15.22
C GLU A 703 16.64 25.64 -14.12
N MSE A 704 15.45 25.16 -14.50
CA MSE A 704 14.50 24.75 -13.47
C MSE A 704 14.68 23.34 -12.98
O MSE A 704 14.25 23.04 -11.87
CB MSE A 704 13.07 25.00 -13.91
CG MSE A 704 12.78 26.50 -13.88
SE MSE A 704 10.93 26.72 -14.01
CE MSE A 704 10.77 26.05 -15.96
N ALA A 705 15.32 22.49 -13.80
CA ALA A 705 15.52 21.06 -13.50
C ALA A 705 16.62 20.86 -12.47
N GLN A 706 16.44 21.42 -11.28
CA GLN A 706 17.48 21.39 -10.24
C GLN A 706 17.41 20.11 -9.41
N ASN A 707 16.28 19.38 -9.53
CA ASN A 707 16.18 18.02 -9.00
C ASN A 707 14.96 17.35 -9.62
N MSE A 708 14.74 16.05 -9.33
CA MSE A 708 13.65 15.28 -9.92
C MSE A 708 12.27 15.72 -9.46
O MSE A 708 11.28 15.56 -10.15
CB MSE A 708 13.86 13.78 -9.66
CG MSE A 708 12.72 12.86 -10.25
SE MSE A 708 12.60 13.08 -12.23
CE MSE A 708 14.32 12.33 -12.76
N THR A 709 12.17 16.28 -8.25
CA THR A 709 10.91 16.84 -7.80
C THR A 709 10.46 17.94 -8.78
N HIS A 710 11.41 18.79 -9.17
CA HIS A 710 11.13 19.83 -10.16
C HIS A 710 10.84 19.27 -11.55
N GLU A 711 11.71 18.42 -12.09
CA GLU A 711 11.44 17.79 -13.40
C GLU A 711 10.11 17.08 -13.43
N TRP A 712 9.85 16.23 -12.42
CA TRP A 712 8.55 15.54 -12.32
C TRP A 712 7.36 16.48 -12.24
N GLY A 713 7.46 17.51 -11.42
CA GLY A 713 6.39 18.52 -11.27
C GLY A 713 6.11 19.35 -12.51
N ILE A 714 7.16 19.68 -13.26
CA ILE A 714 7.02 20.38 -14.51
C ILE A 714 6.34 19.51 -15.57
N LEU A 715 6.86 18.29 -15.71
CA LEU A 715 6.38 17.36 -16.72
C LEU A 715 4.96 16.92 -16.43
N SER A 716 4.59 16.80 -15.14
CA SER A 716 3.21 16.48 -14.73
C SER A 716 2.29 17.63 -15.11
N ALA A 717 2.76 18.85 -14.81
CA ALA A 717 1.98 20.07 -15.12
C ALA A 717 1.68 20.23 -16.62
N VAL A 718 2.64 19.89 -17.47
CA VAL A 718 2.48 20.04 -18.93
C VAL A 718 1.95 18.77 -19.59
N ASN A 719 1.81 17.68 -18.84
CA ASN A 719 1.53 16.37 -19.42
C ASN A 719 0.28 16.26 -20.29
N GLY A 720 -0.78 17.02 -19.94
CA GLY A 720 -2.02 17.02 -20.75
C GLY A 720 -2.07 18.06 -21.87
N ASN A 721 -0.98 18.83 -22.00
CA ASN A 721 -0.85 19.93 -22.97
C ASN A 721 -0.78 19.37 -24.39
N GLU A 722 -1.61 19.93 -25.28
CA GLU A 722 -1.69 19.50 -26.69
C GLU A 722 -0.60 20.08 -27.61
N SER A 723 0.24 20.95 -27.05
CA SER A 723 1.44 21.40 -27.76
C SER A 723 2.35 20.22 -28.10
N ASP A 724 2.99 20.33 -29.27
CA ASP A 724 4.02 19.38 -29.69
C ASP A 724 5.21 19.43 -28.71
N THR A 725 5.42 20.58 -28.10
CA THR A 725 6.48 20.76 -27.11
C THR A 725 6.35 19.78 -25.93
N ARG A 726 5.12 19.38 -25.62
CA ARG A 726 4.94 18.38 -24.56
C ARG A 726 5.59 17.05 -24.99
N ASN A 727 5.35 16.61 -26.22
CA ASN A 727 6.02 15.40 -26.72
C ASN A 727 7.56 15.57 -26.77
N ARG A 728 8.03 16.75 -27.16
CA ARG A 728 9.46 17.03 -27.16
C ARG A 728 10.08 16.93 -25.75
N LEU A 729 9.43 17.53 -24.74
CA LEU A 729 9.95 17.46 -23.37
C LEU A 729 10.01 16.01 -22.80
N LEU A 730 8.97 15.23 -23.07
CA LEU A 730 8.97 13.81 -22.71
C LEU A 730 10.08 13.01 -23.37
N ALA A 731 10.27 13.16 -24.69
CA ALA A 731 11.37 12.54 -25.41
C ALA A 731 12.72 12.92 -24.83
N GLN A 732 12.87 14.19 -24.44
CA GLN A 732 14.16 14.64 -23.92
C GLN A 732 14.43 14.01 -22.54
N PHE A 733 13.34 13.82 -21.78
CA PHE A 733 13.42 13.23 -20.43
C PHE A 733 13.88 11.77 -20.52
N ALA A 734 13.21 11.01 -21.39
CA ALA A 734 13.56 9.63 -21.73
C ALA A 734 15.03 9.48 -22.18
N ASP A 735 15.49 10.41 -23.00
CA ASP A 735 16.88 10.44 -23.47
C ASP A 735 17.84 10.75 -22.31
N LYS A 736 17.53 11.79 -21.52
CA LYS A 736 18.35 12.21 -20.38
C LYS A 736 18.56 11.12 -19.35
N PHE A 737 17.50 10.34 -19.08
CA PHE A 737 17.55 9.36 -18.00
C PHE A 737 17.40 7.92 -18.53
N SER A 738 17.77 7.70 -19.79
CA SER A 738 17.60 6.38 -20.42
C SER A 738 18.21 5.23 -19.63
N ASP A 739 19.28 5.53 -18.89
CA ASP A 739 20.06 4.55 -18.12
C ASP A 739 19.52 4.28 -16.69
N ASP A 740 18.49 5.03 -16.26
CA ASP A 740 17.91 4.86 -14.92
C ASP A 740 16.50 4.28 -15.02
N ALA A 741 16.38 2.98 -14.73
CA ALA A 741 15.13 2.24 -14.88
C ALA A 741 13.98 2.83 -14.10
N LEU A 742 14.28 3.43 -12.95
CA LEU A 742 13.26 4.02 -12.06
C LEU A 742 12.75 5.38 -12.59
N VAL A 743 13.61 6.09 -13.31
CA VAL A 743 13.19 7.33 -13.98
C VAL A 743 12.39 6.96 -15.25
N MSE A 744 12.82 5.91 -15.92
CA MSE A 744 12.07 5.37 -17.06
C MSE A 744 10.66 4.96 -16.65
O MSE A 744 9.71 5.15 -17.44
CB MSE A 744 12.82 4.23 -17.73
CG MSE A 744 14.11 4.69 -18.48
SE MSE A 744 13.83 6.20 -19.75
CE MSE A 744 12.38 5.45 -20.81
N ASP A 745 10.48 4.45 -15.44
CA ASP A 745 9.14 4.21 -14.91
C ASP A 745 8.27 5.49 -14.92
N LYS A 746 8.85 6.61 -14.49
CA LYS A 746 8.16 7.91 -14.50
C LYS A 746 7.77 8.32 -15.91
N TYR A 747 8.69 8.08 -16.83
CA TYR A 747 8.42 8.43 -18.24
C TYR A 747 7.16 7.69 -18.71
N PHE A 748 7.12 6.37 -18.45
CA PHE A 748 5.98 5.55 -18.88
C PHE A 748 4.70 5.91 -18.14
N ALA A 749 4.82 6.31 -16.89
CA ALA A 749 3.65 6.77 -16.14
C ALA A 749 3.08 8.04 -16.78
N LEU A 750 3.96 8.96 -17.20
CA LEU A 750 3.50 10.17 -17.93
C LEU A 750 2.85 9.84 -19.28
N VAL A 751 3.42 8.88 -20.00
CA VAL A 751 2.83 8.44 -21.26
C VAL A 751 1.38 7.95 -21.02
N GLY A 752 1.23 7.07 -20.02
CA GLY A 752 -0.03 6.42 -19.72
C GLY A 752 -1.11 7.30 -19.12
N SER A 753 -0.68 8.31 -18.36
CA SER A 753 -1.58 9.10 -17.58
C SER A 753 -2.04 10.38 -18.28
N SER A 754 -1.54 10.65 -19.49
CA SER A 754 -1.82 11.95 -20.15
C SER A 754 -3.31 12.14 -20.57
N ARG A 755 -3.87 13.30 -20.24
CA ARG A 755 -5.21 13.70 -20.68
C ARG A 755 -5.28 14.20 -22.14
N ARG A 756 -4.15 14.20 -22.87
CA ARG A 756 -4.15 14.53 -24.30
C ARG A 756 -5.08 13.56 -25.04
N SER A 757 -5.56 13.96 -26.22
CA SER A 757 -6.52 13.15 -26.92
C SER A 757 -5.87 11.90 -27.51
N ASP A 758 -4.54 11.95 -27.73
CA ASP A 758 -3.87 10.87 -28.49
C ASP A 758 -3.21 9.81 -27.60
N THR A 759 -3.62 9.74 -26.33
CA THR A 759 -2.88 8.90 -25.36
C THR A 759 -2.89 7.40 -25.69
N LEU A 760 -4.00 6.87 -26.22
CA LEU A 760 -4.03 5.43 -26.54
C LEU A 760 -2.91 5.03 -27.54
N GLN A 761 -2.76 5.78 -28.63
CA GLN A 761 -1.74 5.42 -29.63
C GLN A 761 -0.29 5.65 -29.13
N GLN A 762 -0.08 6.67 -28.30
CA GLN A 762 1.26 6.89 -27.70
C GLN A 762 1.62 5.75 -26.74
N VAL A 763 0.63 5.30 -25.97
CA VAL A 763 0.78 4.11 -25.09
C VAL A 763 1.13 2.85 -25.90
N ARG A 764 0.48 2.67 -27.06
CA ARG A 764 0.79 1.53 -27.93
C ARG A 764 2.21 1.62 -28.50
N THR A 765 2.62 2.81 -28.92
CA THR A 765 4.03 3.04 -29.24
C THR A 765 5.00 2.72 -28.07
N ALA A 766 4.66 3.20 -26.89
CA ALA A 766 5.47 3.00 -25.70
C ALA A 766 5.70 1.52 -25.35
N LEU A 767 4.70 0.68 -25.65
CA LEU A 767 4.85 -0.80 -25.51
C LEU A 767 6.09 -1.34 -26.20
N GLN A 768 6.50 -0.64 -27.25
CA GLN A 768 7.64 -1.02 -28.08
C GLN A 768 8.89 -0.17 -27.84
N HIS A 769 8.87 0.70 -26.85
CA HIS A 769 10.05 1.51 -26.51
C HIS A 769 11.16 0.57 -26.06
N PRO A 770 12.43 0.78 -26.49
CA PRO A 770 13.48 -0.15 -26.03
C PRO A 770 13.59 -0.36 -24.51
N LYS A 771 13.23 0.63 -23.71
CA LYS A 771 13.28 0.50 -22.26
C LYS A 771 12.03 -0.12 -21.64
N PHE A 772 11.01 -0.38 -22.43
CA PHE A 772 9.83 -0.97 -21.86
C PHE A 772 9.95 -2.51 -21.79
N SER A 773 9.44 -3.08 -20.71
CA SER A 773 9.37 -4.54 -20.62
C SER A 773 8.06 -4.96 -19.98
N LEU A 774 7.21 -5.67 -20.73
CA LEU A 774 5.92 -6.14 -20.22
C LEU A 774 6.09 -7.05 -18.99
N GLU A 775 7.20 -7.79 -19.00
CA GLU A 775 7.52 -8.76 -17.97
C GLU A 775 8.11 -8.10 -16.75
N ASN A 776 8.34 -6.80 -16.81
CA ASN A 776 8.74 -6.05 -15.62
C ASN A 776 7.54 -5.42 -14.89
N PRO A 777 7.26 -5.85 -13.64
CA PRO A 777 6.10 -5.27 -12.97
C PRO A 777 6.07 -3.74 -12.87
N ASN A 778 7.22 -3.09 -12.58
CA ASN A 778 7.27 -1.61 -12.50
C ASN A 778 6.90 -0.95 -13.82
N LYS A 779 7.45 -1.48 -14.92
CA LYS A 779 7.10 -0.96 -16.25
C LYS A 779 5.61 -1.18 -16.57
N ALA A 780 5.12 -2.41 -16.42
CA ALA A 780 3.72 -2.71 -16.73
C ALA A 780 2.76 -1.81 -15.97
N ARG A 781 2.98 -1.65 -14.66
CA ARG A 781 2.14 -0.76 -13.84
C ARG A 781 2.29 0.69 -14.24
N SER A 782 3.53 1.13 -14.48
CA SER A 782 3.76 2.54 -14.86
C SER A 782 2.97 2.88 -16.13
N LEU A 783 3.15 2.10 -17.19
CA LEU A 783 2.48 2.36 -18.44
C LEU A 783 1.01 1.94 -18.52
N ILE A 784 0.78 0.64 -18.32
N ILE A 784 0.77 0.65 -18.35
CA ILE A 784 -0.54 0.03 -18.53
CA ILE A 784 -0.56 0.08 -18.57
C ILE A 784 -1.47 0.33 -17.36
C ILE A 784 -1.49 0.33 -17.35
N GLY A 785 -0.96 0.18 -16.15
CA GLY A 785 -1.70 0.52 -14.90
C GLY A 785 -2.18 1.99 -14.92
N SER A 786 -1.29 2.91 -15.27
CA SER A 786 -1.63 4.34 -15.36
C SER A 786 -2.67 4.57 -16.44
N PHE A 787 -2.51 3.96 -17.63
CA PHE A 787 -3.59 4.03 -18.62
C PHE A 787 -4.96 3.57 -18.05
N SER A 788 -4.98 2.43 -17.33
CA SER A 788 -6.23 1.87 -16.82
C SER A 788 -6.89 2.81 -15.82
N ARG A 789 -6.11 3.70 -15.23
CA ARG A 789 -6.62 4.69 -14.30
C ARG A 789 -6.87 6.04 -14.92
N ASN A 790 -6.62 6.12 -16.18
CA ASN A 790 -6.69 7.39 -16.92
C ASN A 790 -8.13 7.58 -17.37
N VAL A 791 -8.88 8.37 -16.61
CA VAL A 791 -10.35 8.35 -16.69
C VAL A 791 -10.91 8.55 -18.10
N PRO A 792 -10.53 9.66 -18.76
CA PRO A 792 -11.11 9.91 -20.09
C PRO A 792 -10.74 8.86 -21.16
N HIS A 793 -9.59 8.22 -20.97
CA HIS A 793 -9.10 7.22 -21.92
C HIS A 793 -9.53 5.79 -21.63
N PHE A 794 -9.35 5.34 -20.38
CA PHE A 794 -9.88 4.03 -19.98
C PHE A 794 -11.39 3.90 -20.24
N HIS A 795 -12.14 4.93 -19.89
CA HIS A 795 -13.61 4.92 -20.10
C HIS A 795 -14.08 5.62 -21.41
N ALA A 796 -13.23 5.69 -22.43
CA ALA A 796 -13.64 6.22 -23.72
C ALA A 796 -14.94 5.52 -24.19
N GLU A 797 -15.85 6.29 -24.78
CA GLU A 797 -17.19 5.82 -25.14
C GLU A 797 -17.12 4.69 -26.16
N ASP A 798 -16.16 4.74 -27.06
CA ASP A 798 -16.02 3.69 -28.07
C ASP A 798 -15.56 2.31 -27.52
N GLY A 799 -15.23 2.25 -26.23
CA GLY A 799 -14.73 1.01 -25.65
C GLY A 799 -13.26 0.66 -25.91
N SER A 800 -12.53 1.54 -26.60
CA SER A 800 -11.13 1.28 -26.96
C SER A 800 -10.26 1.04 -25.73
N GLY A 801 -10.57 1.75 -24.66
CA GLY A 801 -9.80 1.67 -23.42
C GLY A 801 -10.03 0.37 -22.69
N TYR A 802 -11.30 -0.07 -22.65
CA TYR A 802 -11.67 -1.36 -22.12
C TYR A 802 -11.06 -2.49 -22.91
N ARG A 803 -11.09 -2.43 -24.25
CA ARG A 803 -10.52 -3.54 -25.05
C ARG A 803 -8.98 -3.66 -24.85
N PHE A 804 -8.30 -2.52 -24.86
CA PHE A 804 -6.85 -2.45 -24.63
C PHE A 804 -6.44 -3.08 -23.29
N ILE A 805 -7.08 -2.67 -22.19
CA ILE A 805 -6.79 -3.20 -20.86
C ILE A 805 -7.07 -4.69 -20.75
N ALA A 806 -8.22 -5.14 -21.30
CA ALA A 806 -8.53 -6.57 -21.35
C ALA A 806 -7.49 -7.37 -22.15
N ASP A 807 -7.11 -6.86 -23.32
CA ASP A 807 -5.98 -7.41 -24.06
C ASP A 807 -4.73 -7.59 -23.21
N LYS A 808 -4.38 -6.58 -22.42
CA LYS A 808 -3.16 -6.71 -21.61
C LYS A 808 -3.35 -7.59 -20.37
N VAL A 809 -4.56 -7.66 -19.81
CA VAL A 809 -4.79 -8.56 -18.68
C VAL A 809 -4.56 -10.02 -19.20
N ILE A 810 -5.16 -10.32 -20.34
CA ILE A 810 -4.98 -11.61 -21.04
C ILE A 810 -3.49 -11.91 -21.27
N GLU A 811 -2.77 -10.97 -21.86
CA GLU A 811 -1.38 -11.23 -22.22
C GLU A 811 -0.47 -11.39 -20.99
N ILE A 812 -0.59 -10.48 -20.02
CA ILE A 812 0.22 -10.52 -18.79
C ILE A 812 -0.07 -11.76 -17.96
N ASP A 813 -1.35 -12.16 -17.91
CA ASP A 813 -1.72 -13.32 -17.10
C ASP A 813 -1.02 -14.60 -17.54
N ARG A 814 -0.54 -14.65 -18.79
CA ARG A 814 0.22 -15.79 -19.30
C ARG A 814 1.60 -15.98 -18.60
N PHE A 815 2.08 -14.96 -17.86
CA PHE A 815 3.33 -15.10 -17.12
C PHE A 815 3.29 -14.52 -15.69
N ASN A 816 2.45 -13.51 -15.45
CA ASN A 816 2.40 -12.92 -14.09
C ASN A 816 0.97 -12.68 -13.64
N PRO A 817 0.34 -13.74 -13.11
CA PRO A 817 -1.02 -13.60 -12.57
C PRO A 817 -1.24 -12.47 -11.53
N GLN A 818 -0.24 -12.12 -10.71
CA GLN A 818 -0.41 -11.05 -9.71
C GLN A 818 -0.56 -9.66 -10.33
N VAL A 819 0.28 -9.37 -11.33
CA VAL A 819 0.18 -8.11 -12.06
C VAL A 819 -1.17 -8.05 -12.80
N ALA A 820 -1.53 -9.14 -13.47
CA ALA A 820 -2.80 -9.21 -14.21
C ALA A 820 -4.03 -9.06 -13.34
N ALA A 821 -4.01 -9.66 -12.14
CA ALA A 821 -5.20 -9.65 -11.26
C ALA A 821 -5.44 -8.27 -10.63
N ARG A 822 -4.34 -7.53 -10.44
CA ARG A 822 -4.43 -6.17 -9.97
C ARG A 822 -4.94 -5.28 -11.07
N LEU A 823 -4.39 -5.44 -12.27
CA LEU A 823 -4.81 -4.67 -13.43
C LEU A 823 -6.31 -4.87 -13.79
N VAL A 824 -6.79 -6.10 -13.74
CA VAL A 824 -8.20 -6.40 -14.12
C VAL A 824 -9.20 -5.70 -13.19
N GLN A 825 -8.72 -5.23 -12.04
CA GLN A 825 -9.59 -4.52 -11.08
C GLN A 825 -9.92 -3.11 -11.52
N ALA A 826 -9.30 -2.63 -12.60
CA ALA A 826 -9.72 -1.38 -13.24
C ALA A 826 -11.18 -1.52 -13.70
N PHE A 827 -11.66 -2.76 -13.89
CA PHE A 827 -13.04 -2.97 -14.32
C PHE A 827 -14.03 -3.05 -13.15
N ASN A 828 -13.55 -2.81 -11.92
CA ASN A 828 -14.40 -2.97 -10.73
C ASN A 828 -15.66 -2.13 -10.74
N LEU A 829 -15.68 -0.98 -11.41
CA LEU A 829 -16.85 -0.13 -11.53
C LEU A 829 -18.04 -0.63 -12.38
N CYS A 830 -17.88 -1.76 -13.04
CA CYS A 830 -18.84 -2.35 -13.94
C CYS A 830 -20.33 -2.18 -13.67
N ASN A 831 -20.85 -2.75 -12.59
CA ASN A 831 -22.25 -2.63 -12.19
C ASN A 831 -22.76 -1.24 -12.03
N LYS A 832 -21.89 -0.29 -11.81
CA LYS A 832 -22.27 1.07 -11.51
C LYS A 832 -22.21 2.01 -12.73
N LEU A 833 -21.79 1.49 -13.85
CA LEU A 833 -21.61 2.30 -15.05
C LEU A 833 -22.91 2.50 -15.77
N GLU A 834 -23.08 3.59 -16.48
CA GLU A 834 -24.13 3.70 -17.48
C GLU A 834 -24.15 2.60 -18.50
N PRO A 835 -25.32 2.32 -19.04
CA PRO A 835 -25.53 1.08 -19.78
C PRO A 835 -24.59 0.80 -20.96
N HIS A 836 -24.28 1.81 -21.74
CA HIS A 836 -23.39 1.66 -22.86
C HIS A 836 -21.99 1.13 -22.47
N ARG A 837 -21.35 1.81 -21.54
CA ARG A 837 -20.09 1.37 -21.02
C ARG A 837 -20.14 0.03 -20.26
N LYS A 838 -21.14 -0.14 -19.44
CA LYS A 838 -21.40 -1.40 -18.78
C LYS A 838 -21.41 -2.59 -19.68
N ASN A 839 -22.19 -2.51 -20.72
CA ASN A 839 -22.21 -3.53 -21.76
C ASN A 839 -20.81 -3.89 -22.29
N LEU A 840 -20.04 -2.85 -22.61
CA LEU A 840 -18.67 -3.04 -23.12
C LEU A 840 -17.70 -3.64 -22.10
N VAL A 841 -17.83 -3.23 -20.84
CA VAL A 841 -17.04 -3.80 -19.76
C VAL A 841 -17.39 -5.26 -19.57
N LYS A 842 -18.67 -5.60 -19.62
CA LYS A 842 -19.07 -7.00 -19.42
C LYS A 842 -18.53 -7.88 -20.56
N GLN A 843 -18.56 -7.39 -21.81
CA GLN A 843 -17.92 -8.07 -22.95
C GLN A 843 -16.44 -8.34 -22.71
N ALA A 844 -15.73 -7.31 -22.26
CA ALA A 844 -14.29 -7.40 -21.98
C ALA A 844 -13.99 -8.50 -20.94
N LEU A 845 -14.73 -8.49 -19.84
CA LEU A 845 -14.58 -9.46 -18.76
C LEU A 845 -14.97 -10.88 -19.19
N GLN A 846 -16.01 -11.00 -19.98
CA GLN A 846 -16.39 -12.32 -20.59
C GLN A 846 -15.28 -12.87 -21.47
N ARG A 847 -14.70 -12.02 -22.32
CA ARG A 847 -13.55 -12.41 -23.16
C ARG A 847 -12.34 -12.87 -22.30
N ILE A 848 -12.12 -12.21 -21.17
CA ILE A 848 -11.02 -12.55 -20.27
C ILE A 848 -11.34 -13.91 -19.65
N ARG A 849 -12.56 -14.05 -19.18
CA ARG A 849 -13.05 -15.33 -18.67
C ARG A 849 -12.95 -16.52 -19.67
N ALA A 850 -13.19 -16.26 -20.95
CA ALA A 850 -13.12 -17.27 -22.02
C ALA A 850 -11.70 -17.82 -22.31
N GLN A 851 -10.65 -17.18 -21.79
CA GLN A 851 -9.27 -17.62 -22.01
C GLN A 851 -8.96 -18.96 -21.37
N GLU A 852 -8.50 -19.92 -22.17
CA GLU A 852 -8.00 -21.19 -21.64
C GLU A 852 -6.81 -20.90 -20.72
N GLY A 853 -6.75 -21.57 -19.57
CA GLY A 853 -5.59 -21.46 -18.68
C GLY A 853 -5.52 -20.19 -17.83
N LEU A 854 -6.63 -19.45 -17.78
CA LEU A 854 -6.74 -18.22 -16.98
C LEU A 854 -6.39 -18.56 -15.55
N SER A 855 -5.54 -17.75 -14.92
CA SER A 855 -5.12 -18.01 -13.56
C SER A 855 -6.31 -17.99 -12.61
N LYS A 856 -6.14 -18.70 -11.50
CA LYS A 856 -7.01 -18.61 -10.36
C LYS A 856 -7.08 -17.14 -9.86
N ASP A 857 -5.94 -16.42 -9.90
CA ASP A 857 -5.91 -14.99 -9.45
C ASP A 857 -6.94 -14.13 -10.20
N VAL A 858 -6.84 -14.13 -11.52
CA VAL A 858 -7.72 -13.27 -12.35
C VAL A 858 -9.16 -13.81 -12.39
N GLY A 859 -9.29 -15.13 -12.38
CA GLY A 859 -10.60 -15.79 -12.36
C GLY A 859 -11.46 -15.43 -11.15
N GLU A 860 -10.82 -15.33 -9.98
CA GLU A 860 -11.51 -14.93 -8.74
C GLU A 860 -12.08 -13.51 -8.85
N ILE A 861 -11.28 -12.58 -9.39
CA ILE A 861 -11.72 -11.19 -9.55
C ILE A 861 -12.84 -11.10 -10.57
N VAL A 862 -12.64 -11.71 -11.75
CA VAL A 862 -13.63 -11.61 -12.81
C VAL A 862 -14.96 -12.14 -12.32
N GLY A 863 -14.93 -13.29 -11.61
CA GLY A 863 -16.14 -13.85 -11.03
C GLY A 863 -16.85 -12.94 -10.03
N LYS A 864 -16.08 -12.19 -9.25
CA LYS A 864 -16.66 -11.20 -8.32
C LYS A 864 -17.36 -10.09 -9.07
N ILE A 865 -16.76 -9.64 -10.16
CA ILE A 865 -17.37 -8.56 -10.93
C ILE A 865 -18.56 -9.07 -11.74
N LEU A 866 -18.39 -10.21 -12.43
CA LEU A 866 -19.42 -10.75 -13.32
C LEU A 866 -20.60 -11.47 -12.64
N ASP A 867 -20.33 -12.32 -11.65
CA ASP A 867 -21.41 -13.15 -11.12
C ASP A 867 -22.14 -12.60 -9.87
ZN ZN B . 4.09 -5.48 5.37
S SO4 C . -5.09 16.71 -10.90
O1 SO4 C . -5.53 16.71 -9.49
O2 SO4 C . -6.12 16.15 -11.77
O3 SO4 C . -4.82 18.09 -11.37
O4 SO4 C . -3.86 15.92 -11.01
S SO4 D . 31.27 -11.59 16.18
O1 SO4 D . 30.25 -12.62 16.16
O2 SO4 D . 31.42 -11.06 14.81
O3 SO4 D . 30.87 -10.46 17.00
O4 SO4 D . 32.51 -12.16 16.69
S SO4 E . 31.62 -4.52 -3.44
O1 SO4 E . 30.64 -3.47 -3.16
O2 SO4 E . 31.51 -4.93 -4.83
O3 SO4 E . 32.97 -3.97 -3.23
O4 SO4 E . 31.45 -5.68 -2.58
S SO4 F . 17.68 13.43 11.73
O1 SO4 F . 16.89 14.62 11.99
O2 SO4 F . 17.28 12.83 10.45
O3 SO4 F . 19.07 13.84 11.58
O4 SO4 F . 17.51 12.46 12.83
S SO4 G . -1.87 -13.34 31.13
O1 SO4 G . -3.21 -13.87 31.37
O2 SO4 G . -1.27 -14.03 29.98
O3 SO4 G . -1.97 -11.89 30.94
O4 SO4 G . -1.03 -13.60 32.30
S SO4 H . -14.49 27.90 29.53
O1 SO4 H . -14.04 29.08 30.26
O2 SO4 H . -15.79 28.18 28.94
O3 SO4 H . -13.54 27.58 28.46
O4 SO4 H . -14.58 26.76 30.46
S SO4 I . -12.45 19.34 35.01
O1 SO4 I . -13.90 19.15 35.18
O2 SO4 I . -11.86 19.58 36.33
O3 SO4 I . -12.22 20.49 34.16
O4 SO4 I . -11.87 18.15 34.40
S SO4 J . -23.45 33.79 20.65
O1 SO4 J . -23.55 33.63 22.10
O2 SO4 J . -22.86 35.08 20.33
O3 SO4 J . -24.79 33.67 20.07
O4 SO4 J . -22.59 32.73 20.11
S SO4 K . -22.15 17.14 1.46
O1 SO4 K . -23.54 17.00 1.87
O2 SO4 K . -21.81 16.10 0.50
O3 SO4 K . -21.98 18.44 0.84
O4 SO4 K . -21.30 16.99 2.63
S SO4 L . 22.14 -1.96 -13.61
O1 SO4 L . 21.93 -0.92 -12.60
O2 SO4 L . 20.88 -2.69 -13.79
O3 SO4 L . 22.58 -1.36 -14.87
O4 SO4 L . 23.21 -2.87 -13.16
S SO4 M . -28.84 25.04 16.47
O1 SO4 M . -30.30 25.16 16.35
O2 SO4 M . -28.35 24.33 15.29
O3 SO4 M . -28.21 26.34 16.56
O4 SO4 M . -28.48 24.28 17.67
S SO4 N . 7.84 19.21 11.75
O1 SO4 N . 8.29 18.64 13.02
O2 SO4 N . 6.39 19.11 11.66
O3 SO4 N . 8.18 20.63 11.70
O4 SO4 N . 8.48 18.50 10.65
S SO4 O . -15.94 -14.15 14.49
O1 SO4 O . -16.69 -14.74 15.59
O2 SO4 O . -16.79 -13.30 13.64
O3 SO4 O . -14.88 -13.31 15.06
O4 SO4 O . -15.35 -15.22 13.68
S SO4 P . 8.13 -7.14 -23.71
O1 SO4 P . 7.66 -5.82 -23.33
O2 SO4 P . 7.04 -7.91 -24.32
O3 SO4 P . 9.22 -6.94 -24.67
O4 SO4 P . 8.65 -7.92 -22.57
S SO4 Q . 4.23 -1.33 -5.82
O1 SO4 Q . 4.08 -1.65 -4.39
O2 SO4 Q . 3.07 -1.81 -6.59
O3 SO4 Q . 4.35 0.12 -5.95
O4 SO4 Q . 5.44 -1.97 -6.34
S SO4 R . -1.14 -2.14 -1.25
O1 SO4 R . -1.85 -1.40 -0.07
O2 SO4 R . -2.15 -2.48 -2.36
O3 SO4 R . -0.16 -1.21 -1.83
O4 SO4 R . -0.42 -3.43 -0.74
#